data_2L65
#
_entry.id   2L65
#
loop_
_entity.id
_entity.type
_entity.pdbx_description
1 polymer CalC
2 branched 2,4-dideoxy-4-(ethylamino)-3-O-methyl-alpha-L-threo-pentopyranose-(1-2)-4-amino-4,6-dideoxy-beta-D-glucopyranose
3 non-polymer 2,6-dideoxy-4-thio-beta-D-allopyranose
4 non-polymer '4-HYDROXY-5-IODO-2,3-DIMETHOXY-6-METHYLBENZOIC ACID'
5 non-polymer 3-O-methyl-alpha-L-rhamnopyranose
6 non-polymer '[1,8-DIHYDROXY-11-OXO-13-(2-METHYLTRITHIO-ETHYLIDENE)-BICYCLO[7.3.1]TRIDECA-4,9-DIENE-2,6-DIYN-10-YL]-CARBAMIC ACID METHYL ESTER'
#
_entity_poly.entity_id   1
_entity_poly.type   'polypeptide(L)'
_entity_poly.pdbx_seq_one_letter_code
;NYDPFVRHSVTVKADRKTAFKTFLEGFPEWWPNNFRTTKVGAPLGVDKKGGRWYEIDEQGEEHTFGLIRKVDEPDTLVIG
WRLNGFGRIDPDNSSEFTVTFVADGQKKTRVDVEHTHFDRMGTKHAKRVRNGMDKGWPTILQSFQDKIDEEGAKK
;
_entity_poly.pdbx_strand_id   A
#
loop_
_chem_comp.id
_chem_comp.type
_chem_comp.name
_chem_comp.formula
DAG D-saccharide, beta linking 4-amino-4,6-dideoxy-beta-D-glucopyranose 'C6 H13 N O4'
DSR D-saccharide, beta linking 2,6-dideoxy-4-thio-beta-D-allopyranose 'C6 H12 O3 S'
EMP L-saccharide, alpha linking 2,4-dideoxy-4-(ethylamino)-3-O-methyl-alpha-L-threo-pentopyranose 'C8 H17 N O3'
HIB non-polymer '4-HYDROXY-5-IODO-2,3-DIMETHOXY-6-METHYLBENZOIC ACID' 'C10 H11 I O5'
MRP L-saccharide, alpha linking 3-O-methyl-alpha-L-rhamnopyranose 'C7 H14 O5'
MTC non-polymer '[1,8-DIHYDROXY-11-OXO-13-(2-METHYLTRITHIO-ETHYLIDENE)-BICYCLO[7.3.1]TRIDECA-4,9-DIENE-2,6-DIYN-10-YL]-CARBAMIC ACID METHYL ESTER' 'C18 H17 N O4 S3'
#
# COMPACT_ATOMS: atom_id res chain seq x y z
N ASN A 1 -15.30 -0.41 -8.73
CA ASN A 1 -13.92 0.06 -8.55
C ASN A 1 -12.94 -0.85 -9.28
N TYR A 2 -11.66 -0.47 -9.28
CA TYR A 2 -10.57 -1.24 -9.90
C TYR A 2 -10.62 -1.35 -11.44
N ASP A 3 -11.75 -1.77 -11.98
CA ASP A 3 -11.89 -1.93 -13.42
C ASP A 3 -12.45 -0.68 -14.12
N PRO A 4 -13.66 -0.20 -13.73
CA PRO A 4 -14.26 0.99 -14.34
C PRO A 4 -13.59 2.28 -13.86
N PHE A 5 -13.03 2.22 -12.66
CA PHE A 5 -12.36 3.37 -12.04
C PHE A 5 -11.79 2.98 -10.69
N VAL A 6 -10.61 3.49 -10.38
CA VAL A 6 -9.97 3.19 -9.10
C VAL A 6 -10.22 4.30 -8.09
N ARG A 7 -10.94 3.97 -7.03
CA ARG A 7 -11.25 4.92 -5.99
C ARG A 7 -11.49 4.21 -4.66
N HIS A 8 -10.58 4.41 -3.72
CA HIS A 8 -10.69 3.81 -2.40
C HIS A 8 -10.55 4.88 -1.34
N SER A 9 -11.32 4.77 -0.27
CA SER A 9 -11.28 5.74 0.81
C SER A 9 -11.03 5.06 2.15
N VAL A 10 -10.04 5.54 2.89
CA VAL A 10 -9.71 4.99 4.20
C VAL A 10 -9.86 6.05 5.27
N THR A 11 -10.46 5.66 6.40
CA THR A 11 -10.66 6.58 7.52
C THR A 11 -9.67 6.28 8.64
N VAL A 12 -8.93 7.29 9.05
CA VAL A 12 -7.95 7.13 10.11
C VAL A 12 -8.41 7.87 11.36
N LYS A 13 -8.47 7.14 12.47
CA LYS A 13 -8.88 7.71 13.75
C LYS A 13 -7.68 8.24 14.53
N ALA A 14 -6.65 8.64 13.80
CA ALA A 14 -5.43 9.15 14.41
C ALA A 14 -5.03 10.47 13.76
N ASP A 15 -3.75 10.78 13.78
CA ASP A 15 -3.25 12.02 13.20
C ASP A 15 -2.48 11.78 11.91
N ARG A 16 -2.10 12.88 11.25
CA ARG A 16 -1.37 12.84 9.99
C ARG A 16 -0.02 12.14 10.11
N LYS A 17 0.66 12.35 11.23
CA LYS A 17 1.97 11.76 11.44
C LYS A 17 1.90 10.27 11.77
N THR A 18 0.99 9.89 12.66
CA THR A 18 0.85 8.48 13.02
C THR A 18 0.45 7.61 11.82
N ALA A 19 -0.38 8.16 10.95
CA ALA A 19 -0.83 7.42 9.77
C ALA A 19 0.31 7.27 8.76
N PHE A 20 1.13 8.29 8.63
CA PHE A 20 2.25 8.25 7.69
C PHE A 20 3.37 7.36 8.19
N LYS A 21 3.64 7.42 9.49
CA LYS A 21 4.71 6.63 10.09
C LYS A 21 4.42 5.13 10.04
N THR A 22 3.15 4.76 10.16
CA THR A 22 2.78 3.33 10.14
C THR A 22 2.73 2.76 8.73
N PHE A 23 2.91 3.62 7.74
CA PHE A 23 2.89 3.18 6.35
C PHE A 23 4.25 3.28 5.67
N LEU A 24 5.05 4.28 6.04
CA LEU A 24 6.36 4.45 5.43
C LEU A 24 7.53 4.15 6.36
N GLU A 25 7.22 3.66 7.57
CA GLU A 25 8.28 3.33 8.54
C GLU A 25 8.00 2.04 9.31
N GLY A 26 6.84 1.99 9.94
CA GLY A 26 6.47 0.81 10.71
C GLY A 26 6.05 -0.35 9.82
N PHE A 27 7.01 -1.21 9.49
CA PHE A 27 6.73 -2.37 8.65
C PHE A 27 6.49 -3.65 9.48
N PRO A 28 7.47 -4.09 10.31
CA PRO A 28 7.32 -5.30 11.12
C PRO A 28 6.49 -5.03 12.37
N GLU A 29 5.69 -3.97 12.33
CA GLU A 29 4.85 -3.58 13.44
C GLU A 29 3.38 -3.86 13.13
N TRP A 30 3.13 -4.57 12.04
CA TRP A 30 1.77 -4.93 11.64
C TRP A 30 1.35 -6.22 12.32
N TRP A 31 0.46 -6.97 11.68
CA TRP A 31 -0.05 -8.22 12.22
C TRP A 31 -0.93 -8.98 11.22
N PRO A 32 -1.96 -8.31 10.62
CA PRO A 32 -2.92 -8.88 9.67
C PRO A 32 -2.53 -10.18 8.98
N ASN A 33 -1.46 -10.16 8.17
CA ASN A 33 -1.03 -11.36 7.47
C ASN A 33 0.48 -11.37 7.30
N ASN A 34 1.18 -10.88 8.31
CA ASN A 34 2.63 -10.83 8.27
C ASN A 34 3.24 -11.56 9.47
N PHE A 35 2.75 -12.76 9.71
CA PHE A 35 3.22 -13.59 10.83
C PHE A 35 4.55 -14.24 10.48
N ARG A 36 5.54 -13.42 10.17
CA ARG A 36 6.87 -13.91 9.81
C ARG A 36 7.86 -12.75 9.78
N THR A 37 9.12 -13.06 9.57
CA THR A 37 10.16 -12.04 9.50
C THR A 37 11.13 -12.39 8.39
N THR A 38 11.90 -11.40 7.94
CA THR A 38 12.90 -11.59 6.89
C THR A 38 12.27 -11.77 5.50
N LYS A 39 11.54 -12.86 5.33
CA LYS A 39 10.90 -13.17 4.05
C LYS A 39 9.76 -12.20 3.75
N VAL A 40 9.09 -11.78 4.80
CA VAL A 40 7.99 -10.83 4.69
C VAL A 40 7.85 -10.04 5.98
N GLY A 41 7.97 -8.73 5.87
CA GLY A 41 7.88 -7.89 7.04
C GLY A 41 9.26 -7.62 7.60
N ALA A 42 10.14 -7.12 6.75
CA ALA A 42 11.51 -6.82 7.14
C ALA A 42 11.59 -5.46 7.80
N PRO A 43 12.69 -5.16 8.52
CA PRO A 43 12.88 -3.87 9.20
C PRO A 43 13.15 -2.71 8.23
N LEU A 44 12.39 -2.67 7.14
CA LEU A 44 12.52 -1.63 6.12
C LEU A 44 11.31 -1.65 5.20
N GLY A 45 11.41 -2.40 4.12
CA GLY A 45 10.31 -2.50 3.17
C GLY A 45 10.21 -1.29 2.25
N VAL A 46 10.07 -0.12 2.85
CA VAL A 46 9.94 1.12 2.09
C VAL A 46 11.26 1.87 2.03
N ASP A 47 11.60 2.36 0.84
CA ASP A 47 12.82 3.12 0.65
C ASP A 47 12.48 4.59 0.48
N LYS A 48 12.88 5.38 1.46
CA LYS A 48 12.63 6.82 1.44
C LYS A 48 13.87 7.58 0.99
N LYS A 49 14.78 6.88 0.34
CA LYS A 49 16.02 7.47 -0.15
C LYS A 49 15.86 7.87 -1.60
N GLY A 50 15.52 6.88 -2.43
CA GLY A 50 15.34 7.14 -3.83
C GLY A 50 13.87 7.12 -4.19
N GLY A 51 13.12 6.25 -3.53
CA GLY A 51 11.71 6.15 -3.79
C GLY A 51 11.32 4.82 -4.40
N ARG A 52 11.45 3.76 -3.62
CA ARG A 52 11.11 2.42 -4.09
C ARG A 52 10.77 1.49 -2.93
N TRP A 53 10.46 0.24 -3.25
CA TRP A 53 10.11 -0.76 -2.25
C TRP A 53 11.05 -1.94 -2.35
N TYR A 54 11.52 -2.44 -1.22
CA TYR A 54 12.43 -3.58 -1.19
C TYR A 54 12.55 -4.16 0.21
N GLU A 55 12.22 -5.46 0.33
CA GLU A 55 12.32 -6.17 1.61
C GLU A 55 13.73 -6.70 1.82
N ILE A 56 14.14 -6.79 3.07
CA ILE A 56 15.49 -7.25 3.40
C ILE A 56 15.49 -8.69 3.91
N ASP A 57 16.01 -9.60 3.11
CA ASP A 57 16.11 -11.00 3.49
C ASP A 57 17.58 -11.35 3.79
N GLU A 58 17.79 -12.50 4.41
CA GLU A 58 19.13 -12.98 4.77
C GLU A 58 20.06 -13.10 3.57
N GLN A 59 19.50 -13.32 2.38
CA GLN A 59 20.33 -13.47 1.18
C GLN A 59 20.30 -12.21 0.32
N GLY A 60 19.54 -11.22 0.76
CA GLY A 60 19.44 -9.98 0.02
C GLY A 60 18.01 -9.54 -0.14
N GLU A 61 17.75 -8.67 -1.11
CA GLU A 61 16.40 -8.18 -1.36
C GLU A 61 15.55 -9.31 -1.95
N GLU A 62 14.39 -9.55 -1.35
CA GLU A 62 13.51 -10.61 -1.81
C GLU A 62 12.41 -10.11 -2.75
N HIS A 63 11.24 -9.84 -2.19
CA HIS A 63 10.10 -9.39 -2.99
C HIS A 63 9.93 -7.87 -2.94
N THR A 64 9.11 -7.36 -3.84
CA THR A 64 8.84 -5.93 -3.92
C THR A 64 7.41 -5.69 -4.42
N PHE A 65 6.82 -4.59 -3.99
CA PHE A 65 5.46 -4.24 -4.36
C PHE A 65 5.44 -3.42 -5.64
N GLY A 66 6.34 -2.46 -5.73
CA GLY A 66 6.41 -1.61 -6.90
C GLY A 66 7.41 -0.49 -6.74
N LEU A 67 7.08 0.69 -7.23
CA LEU A 67 7.96 1.84 -7.14
C LEU A 67 7.20 3.10 -6.72
N ILE A 68 7.93 4.12 -6.33
CA ILE A 68 7.33 5.39 -5.91
C ILE A 68 7.60 6.46 -6.95
N ARG A 69 6.57 7.22 -7.32
CA ARG A 69 6.71 8.27 -8.31
C ARG A 69 7.24 9.54 -7.66
N LYS A 70 6.56 10.00 -6.61
CA LYS A 70 6.95 11.22 -5.92
C LYS A 70 6.55 11.16 -4.45
N VAL A 71 7.36 11.80 -3.62
CA VAL A 71 7.12 11.85 -2.19
C VAL A 71 6.96 13.32 -1.74
N ASP A 72 5.77 13.84 -1.91
CA ASP A 72 5.49 15.22 -1.56
C ASP A 72 4.96 15.33 -0.13
N GLU A 73 5.85 15.04 0.83
CA GLU A 73 5.53 15.11 2.27
C GLU A 73 4.32 14.21 2.63
N PRO A 74 3.92 14.12 3.92
CA PRO A 74 2.75 13.31 4.33
C PRO A 74 1.44 13.97 3.89
N ASP A 75 1.40 14.38 2.64
CA ASP A 75 0.23 15.04 2.09
C ASP A 75 -0.10 14.49 0.70
N THR A 76 0.91 14.33 -0.13
CA THR A 76 0.72 13.81 -1.47
C THR A 76 1.69 12.66 -1.75
N LEU A 77 1.14 11.52 -2.16
CA LEU A 77 1.97 10.36 -2.46
C LEU A 77 1.50 9.69 -3.75
N VAL A 78 2.44 9.45 -4.66
CA VAL A 78 2.13 8.80 -5.93
C VAL A 78 2.95 7.53 -6.04
N ILE A 79 2.29 6.40 -6.23
CA ILE A 79 2.97 5.12 -6.33
C ILE A 79 2.48 4.27 -7.50
N GLY A 80 3.22 3.21 -7.80
CA GLY A 80 2.86 2.32 -8.88
C GLY A 80 3.00 0.86 -8.43
N TRP A 81 1.99 0.05 -8.66
CA TRP A 81 2.00 -1.35 -8.24
C TRP A 81 2.18 -2.30 -9.41
N ARG A 82 2.68 -3.50 -9.10
CA ARG A 82 2.90 -4.55 -10.10
C ARG A 82 1.76 -5.56 -10.03
N LEU A 83 1.96 -6.73 -10.65
CA LEU A 83 0.94 -7.78 -10.63
C LEU A 83 1.55 -9.15 -10.44
N ASN A 84 0.73 -10.10 -10.02
CA ASN A 84 1.17 -11.47 -9.77
C ASN A 84 1.36 -12.26 -11.07
N GLY A 85 1.37 -13.58 -10.97
CA GLY A 85 1.54 -14.43 -12.12
C GLY A 85 2.76 -15.31 -11.97
N PHE A 86 2.63 -16.58 -12.32
CA PHE A 86 3.73 -17.53 -12.21
C PHE A 86 4.50 -17.63 -13.52
N GLY A 87 4.03 -18.51 -14.40
CA GLY A 87 4.69 -18.69 -15.68
C GLY A 87 4.29 -17.64 -16.69
N ARG A 88 4.68 -16.41 -16.44
CA ARG A 88 4.36 -15.31 -17.32
C ARG A 88 5.50 -14.30 -17.36
N ILE A 89 5.62 -13.59 -18.48
CA ILE A 89 6.65 -12.57 -18.64
C ILE A 89 6.44 -11.46 -17.61
N ASP A 90 7.53 -10.88 -17.12
CA ASP A 90 7.46 -9.81 -16.13
C ASP A 90 6.56 -8.68 -16.62
N PRO A 91 5.62 -8.24 -15.76
CA PRO A 91 4.68 -7.18 -16.08
C PRO A 91 5.36 -5.82 -16.29
N ASP A 92 5.75 -5.55 -17.53
CA ASP A 92 6.40 -4.30 -17.88
C ASP A 92 5.35 -3.24 -18.22
N ASN A 93 4.65 -2.78 -17.20
CA ASN A 93 3.60 -1.76 -17.37
C ASN A 93 3.28 -1.11 -16.03
N SER A 94 2.65 -1.89 -15.15
CA SER A 94 2.28 -1.44 -13.81
C SER A 94 1.14 -0.41 -13.83
N SER A 95 0.48 -0.24 -12.68
CA SER A 95 -0.62 0.71 -12.56
C SER A 95 -0.27 1.80 -11.55
N GLU A 96 -0.53 3.05 -11.93
CA GLU A 96 -0.24 4.20 -11.07
C GLU A 96 -1.45 4.58 -10.24
N PHE A 97 -1.21 5.07 -9.03
CA PHE A 97 -2.29 5.48 -8.14
C PHE A 97 -1.92 6.77 -7.41
N THR A 98 -2.87 7.69 -7.31
CA THR A 98 -2.65 8.96 -6.64
C THR A 98 -3.28 8.91 -5.24
N VAL A 99 -2.46 9.15 -4.23
CA VAL A 99 -2.93 9.14 -2.85
C VAL A 99 -2.98 10.55 -2.28
N THR A 100 -4.16 10.96 -1.83
CA THR A 100 -4.34 12.28 -1.25
C THR A 100 -4.67 12.19 0.24
N PHE A 101 -3.95 12.92 1.06
CA PHE A 101 -4.18 12.91 2.50
C PHE A 101 -4.97 14.14 2.93
N VAL A 102 -6.08 13.91 3.62
CA VAL A 102 -6.92 14.98 4.10
C VAL A 102 -6.98 14.96 5.62
N ALA A 103 -6.67 16.06 6.26
CA ALA A 103 -6.70 16.14 7.72
C ALA A 103 -7.98 16.81 8.20
N ASP A 104 -8.65 16.18 9.15
CA ASP A 104 -9.90 16.72 9.69
C ASP A 104 -9.78 17.03 11.18
N GLY A 105 -9.58 18.30 11.50
CA GLY A 105 -9.46 18.72 12.88
C GLY A 105 -8.17 18.23 13.56
N GLN A 106 -7.24 17.72 12.75
CA GLN A 106 -5.95 17.22 13.22
C GLN A 106 -6.08 15.92 14.05
N LYS A 107 -7.28 15.62 14.52
CA LYS A 107 -7.49 14.42 15.32
C LYS A 107 -8.07 13.28 14.50
N LYS A 108 -8.40 13.60 13.25
CA LYS A 108 -8.96 12.62 12.33
C LYS A 108 -8.29 12.79 10.97
N THR A 109 -8.14 11.69 10.25
CA THR A 109 -7.52 11.76 8.94
C THR A 109 -8.28 10.93 7.91
N ARG A 110 -8.27 11.39 6.67
CA ARG A 110 -8.93 10.70 5.58
C ARG A 110 -7.99 10.58 4.39
N VAL A 111 -7.98 9.45 3.74
CA VAL A 111 -7.13 9.25 2.59
C VAL A 111 -7.89 8.61 1.44
N ASP A 112 -7.77 9.21 0.26
CA ASP A 112 -8.45 8.70 -0.92
C ASP A 112 -7.48 8.47 -2.07
N VAL A 113 -7.87 7.57 -2.98
CA VAL A 113 -7.05 7.25 -4.14
C VAL A 113 -7.78 7.67 -5.41
N GLU A 114 -7.09 8.43 -6.26
CA GLU A 114 -7.68 8.90 -7.50
C GLU A 114 -6.80 8.57 -8.71
N HIS A 115 -7.44 8.12 -9.78
CA HIS A 115 -6.74 7.79 -11.03
C HIS A 115 -7.72 7.40 -12.12
N THR A 116 -7.29 7.57 -13.37
CA THR A 116 -8.09 7.21 -14.54
C THR A 116 -7.17 7.08 -15.73
N HIS A 117 -6.69 5.86 -15.98
CA HIS A 117 -5.79 5.58 -17.09
C HIS A 117 -5.38 4.12 -17.11
N PHE A 118 -4.73 3.67 -16.05
CA PHE A 118 -4.25 2.30 -15.95
C PHE A 118 -5.20 1.44 -15.14
N ASP A 119 -6.39 1.95 -14.91
CA ASP A 119 -7.41 1.24 -14.16
C ASP A 119 -8.38 0.58 -15.13
N ARG A 120 -8.80 1.33 -16.14
CA ARG A 120 -9.73 0.83 -17.14
C ARG A 120 -9.03 -0.05 -18.17
N MET A 121 -8.25 -0.99 -17.68
CA MET A 121 -7.52 -1.91 -18.54
C MET A 121 -7.42 -3.28 -17.86
N GLY A 122 -8.29 -3.50 -16.88
CA GLY A 122 -8.29 -4.74 -16.15
C GLY A 122 -8.87 -5.89 -16.96
N THR A 123 -10.15 -6.16 -16.71
CA THR A 123 -10.86 -7.25 -17.39
C THR A 123 -10.15 -8.58 -17.21
N LYS A 124 -9.27 -8.93 -18.14
CA LYS A 124 -8.51 -10.17 -18.06
C LYS A 124 -7.43 -10.04 -17.00
N HIS A 125 -6.84 -8.85 -16.89
CA HIS A 125 -5.78 -8.59 -15.93
C HIS A 125 -6.33 -8.59 -14.51
N ALA A 126 -7.63 -8.32 -14.41
CA ALA A 126 -8.31 -8.29 -13.13
C ALA A 126 -8.21 -9.64 -12.44
N LYS A 127 -8.70 -10.68 -13.11
CA LYS A 127 -8.67 -12.03 -12.56
C LYS A 127 -7.22 -12.49 -12.36
N ARG A 128 -6.32 -12.04 -13.22
CA ARG A 128 -4.92 -12.40 -13.13
C ARG A 128 -4.26 -11.87 -11.86
N VAL A 129 -4.54 -10.62 -11.52
CA VAL A 129 -3.95 -10.00 -10.34
C VAL A 129 -4.70 -10.40 -9.06
N ARG A 130 -6.01 -10.64 -9.19
CA ARG A 130 -6.83 -11.03 -8.05
C ARG A 130 -6.54 -12.46 -7.60
N ASN A 131 -5.69 -13.13 -8.36
CA ASN A 131 -5.31 -14.50 -8.05
C ASN A 131 -4.17 -14.53 -7.03
N GLY A 132 -3.74 -13.35 -6.60
CA GLY A 132 -2.67 -13.26 -5.63
C GLY A 132 -2.78 -12.05 -4.73
N MET A 133 -2.88 -10.86 -5.33
CA MET A 133 -2.96 -9.63 -4.57
C MET A 133 -4.23 -9.51 -3.75
N ASP A 134 -5.35 -9.98 -4.30
CA ASP A 134 -6.65 -9.89 -3.61
C ASP A 134 -6.64 -10.72 -2.33
N LYS A 135 -5.76 -11.71 -2.24
CA LYS A 135 -5.67 -12.56 -1.08
C LYS A 135 -4.87 -11.89 0.05
N GLY A 136 -5.08 -10.59 0.20
CA GLY A 136 -4.38 -9.86 1.24
C GLY A 136 -4.57 -8.35 1.13
N TRP A 137 -4.65 -7.83 -0.09
CA TRP A 137 -4.81 -6.39 -0.31
C TRP A 137 -6.04 -5.80 0.40
N PRO A 138 -7.27 -6.21 0.04
CA PRO A 138 -8.48 -5.67 0.69
C PRO A 138 -8.55 -6.05 2.16
N THR A 139 -7.99 -7.20 2.48
CA THR A 139 -7.98 -7.70 3.84
C THR A 139 -7.11 -6.85 4.76
N ILE A 140 -5.92 -6.48 4.28
CA ILE A 140 -5.00 -5.66 5.06
C ILE A 140 -5.52 -4.24 5.22
N LEU A 141 -6.22 -3.74 4.20
CA LEU A 141 -6.77 -2.40 4.23
C LEU A 141 -7.76 -2.23 5.38
N GLN A 142 -8.65 -3.20 5.53
CA GLN A 142 -9.64 -3.16 6.59
C GLN A 142 -8.99 -3.32 7.95
N SER A 143 -8.01 -4.21 8.03
CA SER A 143 -7.30 -4.45 9.28
C SER A 143 -6.46 -3.25 9.70
N PHE A 144 -5.88 -2.54 8.70
CA PHE A 144 -5.07 -1.36 8.97
C PHE A 144 -5.87 -0.30 9.70
N GLN A 145 -7.10 -0.07 9.25
CA GLN A 145 -7.98 0.91 9.85
C GLN A 145 -8.21 0.61 11.32
N ASP A 146 -8.57 -0.64 11.60
CA ASP A 146 -8.85 -1.06 12.97
C ASP A 146 -7.59 -1.01 13.84
N LYS A 147 -6.46 -1.34 13.24
CA LYS A 147 -5.17 -1.32 13.94
C LYS A 147 -4.84 0.09 14.42
N ILE A 148 -4.86 1.05 13.49
CA ILE A 148 -4.56 2.44 13.81
C ILE A 148 -5.64 3.01 14.74
N ASP A 149 -6.88 2.56 14.55
CA ASP A 149 -8.01 3.00 15.38
C ASP A 149 -7.77 2.60 16.83
N GLU A 150 -7.25 1.39 17.03
CA GLU A 150 -6.96 0.90 18.37
C GLU A 150 -5.78 1.62 19.00
N GLU A 151 -4.74 1.84 18.20
CA GLU A 151 -3.54 2.52 18.68
C GLU A 151 -3.73 4.03 18.71
N GLY A 152 -4.97 4.48 18.87
CA GLY A 152 -5.24 5.90 18.92
C GLY A 152 -6.52 6.24 19.66
N ALA A 153 -7.64 5.73 19.17
CA ALA A 153 -8.93 6.02 19.78
C ALA A 153 -9.42 4.90 20.69
N LYS A 154 -9.36 3.66 20.21
CA LYS A 154 -9.82 2.52 21.00
C LYS A 154 -9.02 2.35 22.30
N LYS A 155 -7.71 2.51 22.22
CA LYS A 155 -6.86 2.39 23.38
C LYS A 155 -6.15 3.71 23.65
C1 DAG B . 10.75 -19.61 -11.96
C2 DAG B . 11.93 -18.78 -11.42
C3 DAG B . 11.42 -17.62 -10.59
C4 DAG B . 10.41 -16.80 -11.39
C5 DAG B . 9.31 -17.73 -11.95
C6 DAG B . 8.35 -16.91 -12.80
O1 DAG B . 11.24 -20.68 -12.76
O2 DAG B . 12.77 -19.61 -10.61
O3 DAG B . 12.51 -16.78 -10.18
N4 DAG B . 9.81 -15.76 -10.55
O5 DAG B . 9.90 -18.76 -12.75
HO3 DAG B . 13.20 -17.34 -9.71
C1 EMP B . 14.12 -19.59 -10.62
C2 EMP B . 14.96 -20.01 -9.42
C3 EMP B . 14.72 -21.49 -9.12
C4 EMP B . 15.05 -22.29 -10.38
C5 EMP B . 14.22 -21.76 -11.56
C6 EMP B . 15.09 -24.51 -11.34
C7 EMP B . 14.05 -24.27 -12.44
C8 EMP B . 15.23 -21.17 -6.85
O3 EMP B . 15.56 -21.92 -8.04
N4 EMP B . 14.76 -23.71 -10.15
O5 EMP B . 14.50 -20.37 -11.77
HN4 EMP B . 15.29 -24.04 -9.36
HAA EMP B . 13.78 -23.82 -9.94
C1 DSR C . 8.02 -15.70 -9.15
C2 DSR C . 7.34 -16.54 -8.06
C3 DSR C . 6.04 -15.85 -7.66
C4 DSR C . 6.33 -14.41 -7.24
C5 DSR C . 7.09 -13.69 -8.34
C6 DSR C . 7.42 -12.27 -7.87
O1 DSR C . 9.25 -16.33 -9.54
O3 DSR C . 5.15 -15.84 -8.78
O5 DSR C . 8.31 -14.38 -8.65
S4 DSR C . 4.77 -13.53 -6.83
HO3 DSR C . 5.53 -15.27 -9.50
C1 HIB D . 3.43 -11.94 -2.24
C2 HIB D . 3.10 -10.60 -2.41
C3 HIB D . 3.59 -9.90 -3.51
C4 HIB D . 4.41 -10.54 -4.43
C5 HIB D . 4.74 -11.88 -4.26
C6 HIB D . 4.25 -12.58 -3.16
C7 HIB D . 5.65 -12.58 -5.26
C8 HIB D . 4.62 -14.05 -2.97
C9 HIB D . 4.27 -7.78 -3.00
CX HIB D . 3.94 -8.89 -5.96
O3 HIB D . 3.28 -8.59 -3.66
O4 HIB D . 4.89 -9.87 -5.52
O7 HIB D . 6.77 -12.35 -5.71
I1 HIB D . 2.68 -12.99 -0.60
C1 MRP E . 0.67 -9.13 -1.94
C2 MRP E . -0.45 -9.74 -1.08
C3 MRP E . -0.12 -9.58 0.40
C4 MRP E . 0.14 -8.09 0.68
C5 MRP E . 1.21 -7.55 -0.27
C6 MRP E . 1.43 -6.07 0.00
C7 MRP E . -1.41 -11.46 0.96
O1 MRP E . 1.89 -9.81 -1.65
O2 MRP E . -1.68 -9.07 -1.37
O3 MRP E . -1.19 -10.07 1.23
O4 MRP E . 0.56 -7.94 2.03
O5 MRP E . 0.80 -7.74 -1.63
HO2 MRP E . -1.59 -8.10 -1.16
HO4 MRP E . 1.40 -8.46 2.18
C1 MTC F . 10.32 -22.38 -12.74
C2 MTC F . 9.03 -21.80 -12.36
C3 MTC F . 7.91 -21.33 -12.17
C4 MTC F . 6.58 -20.83 -12.14
C5 MTC F . 6.01 -20.75 -13.42
C6 MTC F . 6.89 -21.21 -14.45
C7 MTC F . 7.74 -21.59 -15.25
C8 MTC F . 8.84 -22.05 -16.11
C9 MTC F . 8.58 -23.49 -16.58
C10 MTC F . 8.80 -24.45 -15.41
C11 MTC F . 9.75 -24.22 -14.42
C12 MTC F . 10.12 -22.91 -14.17
C13 MTC F . 10.11 -22.06 -15.27
C14 MTC F . 11.24 -21.08 -15.63
C15 MTC F . 12.60 -21.77 -15.56
C16 MTC F . 14.84 -24.07 -17.58
C17 MTC F . 9.96 -26.47 -13.81
C18 MTC F . 10.08 -28.69 -13.27
O8 MTC F . 8.97 -21.18 -17.24
O10 MTC F . 8.04 -25.42 -15.31
O71 MTC F . 9.28 -26.91 -14.74
O72 MTC F . 10.50 -27.36 -12.93
N11 MTC F . 10.24 -25.19 -13.63
S1 MTC F . 13.99 -20.64 -15.97
S2 MTC F . 15.63 -21.85 -15.86
S3 MTC F . 15.82 -22.60 -17.75
HO8 MTC F . 8.92 -20.23 -16.93
H11 MTC F . 10.84 -24.90 -12.89
N ASN A 1 -14.75 -0.38 -9.20
CA ASN A 1 -13.32 -0.32 -8.83
C ASN A 1 -12.52 -1.35 -9.60
N TYR A 2 -11.22 -1.07 -9.76
CA TYR A 2 -10.27 -1.94 -10.47
C TYR A 2 -10.72 -2.41 -11.86
N ASP A 3 -11.51 -1.59 -12.55
CA ASP A 3 -11.98 -1.91 -13.88
C ASP A 3 -12.56 -0.69 -14.59
N PRO A 4 -13.67 -0.10 -14.08
CA PRO A 4 -14.27 1.08 -14.72
C PRO A 4 -13.65 2.40 -14.21
N PHE A 5 -13.24 2.38 -12.95
CA PHE A 5 -12.64 3.54 -12.30
C PHE A 5 -12.14 3.14 -10.90
N VAL A 6 -11.01 3.66 -10.51
CA VAL A 6 -10.44 3.36 -9.19
C VAL A 6 -10.71 4.50 -8.21
N ARG A 7 -11.29 4.14 -7.06
CA ARG A 7 -11.62 5.10 -6.04
C ARG A 7 -11.77 4.41 -4.68
N HIS A 8 -10.81 4.63 -3.80
CA HIS A 8 -10.84 4.03 -2.47
C HIS A 8 -10.56 5.10 -1.42
N SER A 9 -11.09 4.93 -0.22
CA SER A 9 -10.89 5.89 0.85
C SER A 9 -10.83 5.20 2.20
N VAL A 10 -9.86 5.61 3.03
CA VAL A 10 -9.68 5.04 4.36
C VAL A 10 -9.79 6.15 5.40
N THR A 11 -10.56 5.90 6.44
CA THR A 11 -10.74 6.88 7.50
C THR A 11 -10.30 6.32 8.84
N VAL A 12 -9.35 6.99 9.47
CA VAL A 12 -8.84 6.58 10.77
C VAL A 12 -8.82 7.75 11.73
N LYS A 13 -9.15 7.49 12.99
CA LYS A 13 -9.16 8.54 14.00
C LYS A 13 -7.77 8.75 14.57
N ALA A 14 -6.80 9.00 13.69
CA ALA A 14 -5.43 9.21 14.10
C ALA A 14 -4.93 10.57 13.59
N ASP A 15 -3.62 10.74 13.58
CA ASP A 15 -3.02 11.99 13.13
C ASP A 15 -2.22 11.80 11.84
N ARG A 16 -1.88 12.92 11.21
CA ARG A 16 -1.12 12.92 9.96
C ARG A 16 0.20 12.15 10.06
N LYS A 17 0.86 12.26 11.21
CA LYS A 17 2.14 11.58 11.42
C LYS A 17 1.96 10.08 11.64
N THR A 18 1.12 9.72 12.61
CA THR A 18 0.87 8.32 12.95
C THR A 18 0.48 7.49 11.72
N ALA A 19 -0.39 8.05 10.88
CA ALA A 19 -0.85 7.36 9.68
C ALA A 19 0.27 7.20 8.65
N PHE A 20 1.06 8.25 8.46
CA PHE A 20 2.15 8.21 7.50
C PHE A 20 3.28 7.28 7.96
N LYS A 21 3.52 7.26 9.26
CA LYS A 21 4.58 6.43 9.83
C LYS A 21 4.28 4.94 9.76
N THR A 22 3.01 4.57 9.86
CA THR A 22 2.62 3.17 9.84
C THR A 22 2.65 2.57 8.44
N PHE A 23 2.80 3.40 7.43
CA PHE A 23 2.82 2.91 6.05
C PHE A 23 4.16 3.16 5.35
N LEU A 24 4.95 4.08 5.85
CA LEU A 24 6.23 4.40 5.21
C LEU A 24 7.46 4.18 6.09
N GLU A 25 7.28 3.54 7.25
CA GLU A 25 8.41 3.29 8.14
C GLU A 25 8.15 2.09 9.05
N GLY A 26 6.97 2.03 9.64
CA GLY A 26 6.63 0.93 10.51
C GLY A 26 6.21 -0.29 9.72
N PHE A 27 7.11 -1.26 9.64
CA PHE A 27 6.84 -2.49 8.89
C PHE A 27 6.65 -3.71 9.82
N PRO A 28 7.64 -4.02 10.70
CA PRO A 28 7.51 -5.16 11.62
C PRO A 28 6.55 -4.88 12.77
N GLU A 29 5.75 -3.84 12.62
CA GLU A 29 4.78 -3.47 13.63
C GLU A 29 3.39 -3.89 13.19
N TRP A 30 3.33 -4.65 12.11
CA TRP A 30 2.06 -5.13 11.58
C TRP A 30 1.67 -6.45 12.23
N TRP A 31 0.72 -7.16 11.64
CA TRP A 31 0.23 -8.42 12.18
C TRP A 31 -0.69 -9.16 11.19
N PRO A 32 -1.73 -8.47 10.62
CA PRO A 32 -2.69 -9.03 9.67
C PRO A 32 -2.23 -10.23 8.83
N ASN A 33 -1.13 -10.08 8.11
CA ASN A 33 -0.64 -11.17 7.25
C ASN A 33 0.82 -11.49 7.50
N ASN A 34 1.65 -10.47 7.68
CA ASN A 34 3.07 -10.67 7.91
C ASN A 34 3.35 -11.10 9.35
N PHE A 35 3.42 -12.40 9.55
CA PHE A 35 3.67 -12.97 10.86
C PHE A 35 5.12 -13.41 11.01
N ARG A 36 5.92 -13.20 9.97
CA ARG A 36 7.32 -13.61 10.00
C ARG A 36 8.24 -12.42 9.80
N THR A 37 9.48 -12.69 9.40
CA THR A 37 10.45 -11.64 9.17
C THR A 37 11.29 -11.94 7.94
N THR A 38 11.84 -10.89 7.33
CA THR A 38 12.71 -10.97 6.15
C THR A 38 11.99 -11.43 4.87
N LYS A 39 11.50 -12.67 4.86
CA LYS A 39 10.80 -13.20 3.70
C LYS A 39 9.40 -12.63 3.60
N VAL A 40 8.98 -11.94 4.65
CA VAL A 40 7.68 -11.31 4.72
C VAL A 40 7.56 -10.47 6.00
N GLY A 41 7.97 -9.22 5.89
CA GLY A 41 7.94 -8.33 7.04
C GLY A 41 9.33 -7.96 7.51
N ALA A 42 10.05 -7.20 6.70
CA ALA A 42 11.40 -6.76 7.04
C ALA A 42 11.37 -5.42 7.77
N PRO A 43 12.44 -5.10 8.53
CA PRO A 43 12.53 -3.83 9.29
C PRO A 43 12.43 -2.59 8.39
N LEU A 44 12.86 -2.71 7.14
CA LEU A 44 12.80 -1.59 6.21
C LEU A 44 11.52 -1.64 5.37
N GLY A 45 11.61 -2.34 4.23
CA GLY A 45 10.46 -2.46 3.35
C GLY A 45 10.30 -1.28 2.43
N VAL A 46 10.22 -0.08 3.01
CA VAL A 46 10.04 1.14 2.24
C VAL A 46 11.35 1.93 2.16
N ASP A 47 11.69 2.35 0.96
CA ASP A 47 12.88 3.15 0.73
C ASP A 47 12.51 4.62 0.60
N LYS A 48 13.02 5.43 1.50
CA LYS A 48 12.73 6.86 1.50
C LYS A 48 13.93 7.69 1.02
N LYS A 49 14.98 7.03 0.56
CA LYS A 49 16.15 7.73 0.07
C LYS A 49 16.04 7.95 -1.44
N GLY A 50 15.25 7.11 -2.09
CA GLY A 50 15.06 7.22 -3.53
C GLY A 50 13.59 7.17 -3.89
N GLY A 51 12.94 6.07 -3.54
CA GLY A 51 11.53 5.92 -3.83
C GLY A 51 11.20 4.55 -4.41
N ARG A 52 11.26 3.53 -3.57
CA ARG A 52 10.96 2.16 -4.01
C ARG A 52 10.62 1.28 -2.82
N TRP A 53 10.11 0.09 -3.09
CA TRP A 53 9.76 -0.86 -2.04
C TRP A 53 10.63 -2.09 -2.18
N TYR A 54 11.17 -2.58 -1.08
CA TYR A 54 12.03 -3.77 -1.11
C TYR A 54 12.25 -4.36 0.28
N GLU A 55 11.89 -5.64 0.42
CA GLU A 55 12.07 -6.34 1.68
C GLU A 55 13.50 -6.84 1.81
N ILE A 56 14.08 -6.70 3.00
CA ILE A 56 15.45 -7.13 3.24
C ILE A 56 15.47 -8.51 3.90
N ASP A 57 16.19 -9.45 3.28
CA ASP A 57 16.30 -10.81 3.80
C ASP A 57 17.76 -11.15 4.07
N GLU A 58 17.99 -12.26 4.75
CA GLU A 58 19.33 -12.73 5.09
C GLU A 58 20.13 -13.04 3.82
N GLN A 59 19.43 -13.43 2.76
CA GLN A 59 20.06 -13.77 1.49
C GLN A 59 20.25 -12.53 0.62
N GLY A 60 19.66 -11.43 1.03
CA GLY A 60 19.77 -10.19 0.27
C GLY A 60 18.45 -9.45 0.20
N GLU A 61 17.79 -9.53 -0.95
CA GLU A 61 16.51 -8.86 -1.14
C GLU A 61 15.39 -9.87 -1.41
N GLU A 62 14.17 -9.48 -1.10
CA GLU A 62 13.03 -10.35 -1.30
C GLU A 62 12.04 -9.74 -2.29
N HIS A 63 10.76 -9.98 -2.07
CA HIS A 63 9.71 -9.47 -2.93
C HIS A 63 9.57 -7.94 -2.85
N THR A 64 8.74 -7.39 -3.71
CA THR A 64 8.50 -5.96 -3.76
C THR A 64 7.06 -5.67 -4.19
N PHE A 65 6.49 -4.62 -3.61
CA PHE A 65 5.12 -4.23 -3.92
C PHE A 65 5.06 -3.35 -5.17
N GLY A 66 6.04 -2.47 -5.30
CA GLY A 66 6.09 -1.58 -6.45
C GLY A 66 7.16 -0.54 -6.30
N LEU A 67 6.88 0.66 -6.81
CA LEU A 67 7.85 1.75 -6.75
C LEU A 67 7.15 3.08 -6.46
N ILE A 68 7.93 4.05 -6.01
CA ILE A 68 7.38 5.37 -5.70
C ILE A 68 7.82 6.34 -6.78
N ARG A 69 6.85 6.99 -7.42
CA ARG A 69 7.15 7.93 -8.49
C ARG A 69 7.27 9.36 -7.96
N LYS A 70 6.57 9.64 -6.87
CA LYS A 70 6.61 10.97 -6.27
C LYS A 70 6.24 10.94 -4.79
N VAL A 71 7.07 11.59 -3.98
CA VAL A 71 6.85 11.69 -2.54
C VAL A 71 6.95 13.16 -2.14
N ASP A 72 5.80 13.78 -1.90
CA ASP A 72 5.77 15.19 -1.52
C ASP A 72 5.15 15.35 -0.14
N GLU A 73 5.94 15.08 0.90
CA GLU A 73 5.50 15.18 2.30
C GLU A 73 4.23 14.34 2.57
N PRO A 74 3.71 14.32 3.81
CA PRO A 74 2.47 13.57 4.11
C PRO A 74 1.23 14.27 3.50
N ASP A 75 1.33 14.61 2.23
CA ASP A 75 0.23 15.27 1.52
C ASP A 75 0.01 14.65 0.15
N THR A 76 1.06 14.62 -0.65
CA THR A 76 0.98 14.06 -1.99
C THR A 76 1.82 12.79 -2.09
N LEU A 77 1.17 11.68 -2.40
CA LEU A 77 1.85 10.40 -2.54
C LEU A 77 1.49 9.73 -3.87
N VAL A 78 2.49 9.50 -4.70
CA VAL A 78 2.28 8.85 -5.99
C VAL A 78 3.07 7.55 -6.05
N ILE A 79 2.37 6.44 -6.15
CA ILE A 79 3.01 5.13 -6.19
C ILE A 79 2.44 4.25 -7.30
N GLY A 80 3.20 3.21 -7.64
CA GLY A 80 2.77 2.28 -8.67
C GLY A 80 2.88 0.86 -8.17
N TRP A 81 1.93 0.01 -8.55
CA TRP A 81 1.92 -1.37 -8.10
C TRP A 81 2.34 -2.34 -9.22
N ARG A 82 2.64 -3.57 -8.84
CA ARG A 82 3.05 -4.60 -9.78
C ARG A 82 1.91 -5.59 -10.01
N LEU A 83 2.24 -6.70 -10.67
CA LEU A 83 1.26 -7.73 -10.97
C LEU A 83 1.77 -9.11 -10.55
N ASN A 84 0.84 -9.99 -10.20
CA ASN A 84 1.18 -11.34 -9.78
C ASN A 84 1.26 -12.28 -10.99
N GLY A 85 1.33 -13.59 -10.73
CA GLY A 85 1.40 -14.55 -11.81
C GLY A 85 2.50 -15.58 -11.62
N PHE A 86 2.36 -16.72 -12.27
CA PHE A 86 3.34 -17.79 -12.16
C PHE A 86 4.18 -17.85 -13.43
N GLY A 87 3.68 -18.58 -14.42
CA GLY A 87 4.38 -18.70 -15.67
C GLY A 87 3.99 -17.59 -16.64
N ARG A 88 4.61 -16.44 -16.46
CA ARG A 88 4.34 -15.29 -17.30
C ARG A 88 5.62 -14.51 -17.58
N ILE A 89 5.51 -13.50 -18.41
CA ILE A 89 6.66 -12.67 -18.78
C ILE A 89 6.89 -11.58 -17.71
N ASP A 90 7.85 -10.69 -17.98
CA ASP A 90 8.19 -9.60 -17.09
C ASP A 90 6.97 -8.68 -16.86
N PRO A 91 6.80 -8.20 -15.61
CA PRO A 91 5.68 -7.31 -15.25
C PRO A 91 5.77 -5.92 -15.90
N ASP A 92 5.78 -5.88 -17.21
CA ASP A 92 5.85 -4.63 -17.94
C ASP A 92 4.48 -3.98 -18.05
N ASN A 93 4.17 -3.12 -17.10
CA ASN A 93 2.89 -2.41 -17.07
C ASN A 93 2.96 -1.23 -16.12
N SER A 94 3.05 -1.53 -14.83
CA SER A 94 3.13 -0.51 -13.78
C SER A 94 1.85 0.33 -13.65
N SER A 95 0.94 -0.11 -12.81
CA SER A 95 -0.30 0.59 -12.57
C SER A 95 -0.10 1.61 -11.45
N GLU A 96 -0.06 2.88 -11.79
CA GLU A 96 0.14 3.95 -10.81
C GLU A 96 -1.18 4.46 -10.25
N PHE A 97 -1.12 4.96 -9.02
CA PHE A 97 -2.27 5.52 -8.33
C PHE A 97 -1.85 6.75 -7.53
N THR A 98 -2.72 7.75 -7.49
CA THR A 98 -2.43 8.98 -6.76
C THR A 98 -3.19 8.99 -5.44
N VAL A 99 -2.45 9.17 -4.35
CA VAL A 99 -3.01 9.19 -3.01
C VAL A 99 -3.04 10.61 -2.44
N THR A 100 -4.21 11.05 -2.00
CA THR A 100 -4.38 12.38 -1.44
C THR A 100 -4.70 12.29 0.04
N PHE A 101 -4.03 13.11 0.84
CA PHE A 101 -4.25 13.12 2.29
C PHE A 101 -5.11 14.32 2.72
N VAL A 102 -6.21 14.02 3.39
CA VAL A 102 -7.12 15.06 3.88
C VAL A 102 -7.23 14.97 5.40
N ALA A 103 -6.86 16.05 6.08
CA ALA A 103 -6.92 16.09 7.53
C ALA A 103 -8.11 16.91 8.01
N ASP A 104 -8.81 16.39 9.01
CA ASP A 104 -9.97 17.07 9.56
C ASP A 104 -9.86 17.22 11.07
N GLY A 105 -9.78 18.46 11.53
CA GLY A 105 -9.68 18.74 12.95
C GLY A 105 -8.34 18.32 13.54
N GLN A 106 -7.43 17.88 12.67
CA GLN A 106 -6.09 17.43 13.06
C GLN A 106 -6.12 16.14 13.88
N LYS A 107 -7.32 15.63 14.17
CA LYS A 107 -7.44 14.40 14.95
C LYS A 107 -8.16 13.32 14.15
N LYS A 108 -8.43 13.61 12.90
CA LYS A 108 -9.09 12.67 12.02
C LYS A 108 -8.45 12.74 10.64
N THR A 109 -8.14 11.59 10.07
CA THR A 109 -7.51 11.53 8.77
C THR A 109 -8.36 10.82 7.72
N ARG A 110 -8.52 11.47 6.58
CA ARG A 110 -9.28 10.93 5.47
C ARG A 110 -8.34 10.79 4.28
N VAL A 111 -8.07 9.57 3.86
CA VAL A 111 -7.17 9.37 2.73
C VAL A 111 -7.92 8.77 1.53
N ASP A 112 -7.68 9.34 0.36
CA ASP A 112 -8.32 8.87 -0.85
C ASP A 112 -7.31 8.58 -1.96
N VAL A 113 -7.64 7.60 -2.79
CA VAL A 113 -6.80 7.21 -3.90
C VAL A 113 -7.62 7.25 -5.18
N GLU A 114 -7.29 8.16 -6.09
CA GLU A 114 -8.03 8.29 -7.33
C GLU A 114 -7.10 8.30 -8.55
N HIS A 115 -7.59 7.71 -9.63
CA HIS A 115 -6.85 7.65 -10.88
C HIS A 115 -7.80 7.29 -12.01
N THR A 116 -7.39 7.52 -13.24
CA THR A 116 -8.24 7.22 -14.39
C THR A 116 -7.38 7.06 -15.64
N HIS A 117 -6.75 5.89 -15.77
CA HIS A 117 -5.89 5.61 -16.92
C HIS A 117 -5.42 4.16 -16.93
N PHE A 118 -4.58 3.80 -15.98
CA PHE A 118 -4.04 2.45 -15.89
C PHE A 118 -5.02 1.49 -15.23
N ASP A 119 -5.99 2.05 -14.54
CA ASP A 119 -6.99 1.27 -13.85
C ASP A 119 -8.09 0.82 -14.81
N ARG A 120 -8.15 1.47 -15.97
CA ARG A 120 -9.17 1.14 -16.96
C ARG A 120 -8.69 0.10 -17.96
N MET A 121 -7.84 -0.81 -17.50
CA MET A 121 -7.31 -1.87 -18.35
C MET A 121 -7.34 -3.20 -17.60
N GLY A 122 -8.21 -3.28 -16.59
CA GLY A 122 -8.32 -4.48 -15.79
C GLY A 122 -9.00 -5.62 -16.53
N THR A 123 -10.24 -5.90 -16.14
CA THR A 123 -11.03 -6.98 -16.74
C THR A 123 -10.31 -8.33 -16.73
N LYS A 124 -9.53 -8.58 -17.77
CA LYS A 124 -8.77 -9.82 -17.87
C LYS A 124 -7.61 -9.82 -16.88
N HIS A 125 -7.02 -8.65 -16.67
CA HIS A 125 -5.91 -8.52 -15.75
C HIS A 125 -6.37 -8.65 -14.30
N ALA A 126 -7.61 -8.21 -14.06
CA ALA A 126 -8.19 -8.27 -12.72
C ALA A 126 -8.27 -9.71 -12.23
N LYS A 127 -8.70 -10.60 -13.12
CA LYS A 127 -8.82 -12.02 -12.79
C LYS A 127 -7.46 -12.64 -12.53
N ARG A 128 -6.46 -12.21 -13.29
CA ARG A 128 -5.11 -12.74 -13.13
C ARG A 128 -4.48 -12.29 -11.82
N VAL A 129 -4.64 -11.01 -11.51
CA VAL A 129 -4.07 -10.45 -10.28
C VAL A 129 -4.79 -10.95 -9.02
N ARG A 130 -6.02 -11.44 -9.21
CA ARG A 130 -6.82 -11.94 -8.09
C ARG A 130 -6.20 -13.21 -7.50
N ASN A 131 -5.28 -13.81 -8.25
CA ASN A 131 -4.62 -15.04 -7.80
C ASN A 131 -3.63 -14.78 -6.66
N GLY A 132 -3.44 -13.51 -6.29
CA GLY A 132 -2.52 -13.19 -5.22
C GLY A 132 -2.86 -11.92 -4.48
N MET A 133 -3.08 -10.84 -5.22
CA MET A 133 -3.39 -9.54 -4.62
C MET A 133 -4.69 -9.54 -3.83
N ASP A 134 -5.72 -10.16 -4.39
CA ASP A 134 -7.04 -10.21 -3.73
C ASP A 134 -7.03 -11.14 -2.51
N LYS A 135 -5.89 -11.79 -2.27
CA LYS A 135 -5.76 -12.69 -1.15
C LYS A 135 -5.07 -12.02 0.04
N GLY A 136 -5.07 -10.69 0.05
CA GLY A 136 -4.45 -9.99 1.15
C GLY A 136 -4.63 -8.49 1.08
N TRP A 137 -4.62 -7.93 -0.12
CA TRP A 137 -4.77 -6.48 -0.29
C TRP A 137 -6.04 -5.91 0.35
N PRO A 138 -7.24 -6.38 -0.03
CA PRO A 138 -8.50 -5.88 0.53
C PRO A 138 -8.58 -6.10 2.04
N THR A 139 -8.14 -7.26 2.48
CA THR A 139 -8.16 -7.62 3.89
C THR A 139 -7.21 -6.73 4.69
N ILE A 140 -6.06 -6.43 4.10
CA ILE A 140 -5.05 -5.60 4.75
C ILE A 140 -5.54 -4.18 4.98
N LEU A 141 -6.27 -3.63 4.00
CA LEU A 141 -6.79 -2.28 4.09
C LEU A 141 -7.81 -2.16 5.22
N GLN A 142 -8.59 -3.22 5.42
CA GLN A 142 -9.61 -3.22 6.46
C GLN A 142 -9.03 -3.51 7.84
N SER A 143 -7.97 -4.32 7.90
CA SER A 143 -7.35 -4.65 9.17
C SER A 143 -6.51 -3.50 9.70
N PHE A 144 -5.88 -2.75 8.78
CA PHE A 144 -5.05 -1.61 9.16
C PHE A 144 -5.86 -0.55 9.88
N GLN A 145 -7.10 -0.37 9.43
CA GLN A 145 -8.00 0.61 10.02
C GLN A 145 -8.21 0.37 11.51
N ASP A 146 -8.62 -0.85 11.86
CA ASP A 146 -8.85 -1.20 13.26
C ASP A 146 -7.59 -1.09 14.09
N LYS A 147 -6.45 -1.45 13.49
CA LYS A 147 -5.17 -1.40 14.18
C LYS A 147 -4.77 0.03 14.54
N ILE A 148 -4.72 0.91 13.55
CA ILE A 148 -4.32 2.29 13.77
C ILE A 148 -5.35 3.04 14.61
N ASP A 149 -6.61 2.76 14.38
CA ASP A 149 -7.69 3.41 15.13
C ASP A 149 -7.61 3.00 16.61
N GLU A 150 -7.21 1.75 16.83
CA GLU A 150 -7.07 1.22 18.17
C GLU A 150 -5.91 1.91 18.87
N GLU A 151 -4.78 1.99 18.18
CA GLU A 151 -3.60 2.62 18.72
C GLU A 151 -3.68 4.13 18.60
N GLY A 152 -4.73 4.69 19.17
CA GLY A 152 -4.92 6.13 19.12
C GLY A 152 -6.16 6.56 19.88
N ALA A 153 -7.29 5.95 19.58
CA ALA A 153 -8.55 6.30 20.23
C ALA A 153 -9.24 5.09 20.85
N LYS A 154 -9.30 4.00 20.10
CA LYS A 154 -9.95 2.78 20.55
C LYS A 154 -9.30 2.20 21.82
N LYS A 155 -7.99 2.32 21.93
CA LYS A 155 -7.27 1.81 23.08
C LYS A 155 -6.46 2.93 23.73
C1 DAG B . 9.74 -20.57 -12.30
C2 DAG B . 10.96 -19.84 -11.74
C3 DAG B . 10.53 -18.63 -10.92
C4 DAG B . 9.60 -17.74 -11.76
C5 DAG B . 8.47 -18.58 -12.34
C6 DAG B . 7.58 -17.69 -13.22
O1 DAG B . 10.17 -21.68 -13.09
O2 DAG B . 11.70 -20.74 -10.90
O3 DAG B . 11.67 -17.89 -10.49
N4 DAG B . 9.07 -16.65 -10.94
O5 DAG B . 8.98 -19.66 -13.12
HO3 DAG B . 12.29 -18.49 -10.00
C1 EMP B . 13.05 -20.82 -10.87
C2 EMP B . 13.82 -21.29 -9.64
C3 EMP B . 13.46 -22.74 -9.34
C4 EMP B . 13.75 -23.57 -10.59
C5 EMP B . 13.00 -22.99 -11.79
C6 EMP B . 13.64 -25.80 -11.54
C7 EMP B . 12.66 -25.48 -12.67
C8 EMP B . 13.93 -22.46 -7.07
O3 EMP B . 14.23 -23.23 -8.23
N4 EMP B . 13.34 -24.97 -10.36
O5 EMP B . 13.41 -21.63 -12.00
HN4 EMP B . 13.82 -25.33 -9.57
HAA EMP B . 12.36 -25.00 -10.18
C1 DSR C . 7.26 -16.43 -9.59
C2 DSR C . 6.48 -17.20 -8.52
C3 DSR C . 5.23 -16.42 -8.16
C4 DSR C . 5.62 -15.00 -7.73
C5 DSR C . 6.47 -14.34 -8.82
C6 DSR C . 6.90 -12.95 -8.34
O1 DSR C . 8.44 -17.15 -9.94
O3 DSR C . 4.37 -16.34 -9.30
O5 DSR C . 7.63 -15.14 -9.08
S4 DSR C . 4.12 -13.99 -7.39
HO3 DSR C . 4.82 -15.80 -10.02
C1 HIB D . 2.78 -12.27 -2.84
C2 HIB D . 2.57 -10.91 -3.02
C3 HIB D . 3.15 -10.26 -4.10
C4 HIB D . 3.94 -10.96 -5.00
C5 HIB D . 4.16 -12.32 -4.81
C6 HIB D . 3.58 -12.98 -3.72
C7 HIB D . 5.03 -13.11 -5.79
C8 HIB D . 3.83 -14.47 -3.51
C9 HIB D . 3.98 -8.20 -3.59
CX HIB D . 3.65 -9.30 -6.56
O3 HIB D . 2.95 -8.92 -4.27
O4 HIB D . 4.50 -10.34 -6.08
O7 HIB D . 6.18 -12.98 -6.20
I1 HIB D . 1.91 -13.25 -1.20
C1 MRP E . 0.25 -9.25 -2.62
C2 MRP E . -0.93 -9.76 -1.80
C3 MRP E . -0.63 -9.61 -0.31
C4 MRP E . -0.27 -8.16 -0.03
C5 MRP E . 0.88 -7.71 -0.94
C6 MRP E . 1.20 -6.24 -0.68
C7 MRP E . -2.09 -11.37 0.22
O1 MRP E . 1.41 -10.02 -2.30
O2 MRP E . -2.10 -9.00 -2.13
O3 MRP E . -1.76 -10.01 0.49
O4 MRP E . 0.13 -8.01 1.33
O5 MRP E . 0.50 -7.86 -2.32
HO2 MRP E . -1.93 -8.03 -1.92
HO4 MRP E . 0.92 -8.61 1.51
C1 MTC F . 9.10 -23.31 -13.09
C2 MTC F . 7.86 -22.61 -12.74
C3 MTC F . 6.77 -22.06 -12.59
C4 MTC F . 5.48 -21.45 -12.61
C5 MTC F . 4.97 -21.34 -13.89
C6 MTC F . 5.83 -21.86 -14.90
C7 MTC F . 6.67 -22.32 -15.67
C8 MTC F . 7.75 -22.88 -16.50
C9 MTC F . 7.40 -24.29 -16.97
C10 MTC F . 7.50 -25.26 -15.79
C11 MTC F . 8.44 -25.11 -14.78
C12 MTC F . 8.91 -23.82 -14.52
C13 MTC F . 8.99 -22.98 -15.62
C14 MTC F . 10.21 -22.10 -15.96
C15 MTC F . 11.51 -22.90 -15.85
C16 MTC F . 13.60 -25.39 -17.79
C17 MTC F . 8.44 -27.35 -14.15
C18 MTC F . 8.37 -29.57 -13.59
O8 MTC F . 7.98 -22.04 -17.63
O10 MTC F . 6.67 -26.16 -15.71
O71 MTC F . 7.75 -27.75 -15.10
O72 MTC F . 8.88 -28.28 -13.25
N11 MTC F . 8.82 -26.09 -13.97
S1 MTC F . 13.00 -21.90 -16.22
S2 MTC F . 14.53 -23.22 -16.05
S3 MTC F . 14.71 -24.00 -17.93
HO8 MTC F . 8.01 -21.08 -17.33
H11 MTC F . 9.42 -25.87 -13.20
N ASN A 1 -15.38 -0.26 -8.74
CA ASN A 1 -13.98 -0.04 -8.31
C ASN A 1 -13.03 -0.93 -9.12
N TYR A 2 -11.81 -0.43 -9.33
CA TYR A 2 -10.75 -1.12 -10.07
C TYR A 2 -11.03 -1.40 -11.56
N ASP A 3 -12.18 -1.99 -11.87
CA ASP A 3 -12.53 -2.32 -13.26
C ASP A 3 -12.92 -1.08 -14.08
N PRO A 4 -13.99 -0.35 -13.72
CA PRO A 4 -14.43 0.84 -14.45
C PRO A 4 -13.60 2.07 -14.08
N PHE A 5 -13.17 2.12 -12.83
CA PHE A 5 -12.37 3.21 -12.30
C PHE A 5 -11.99 2.90 -10.85
N VAL A 6 -10.87 3.45 -10.40
CA VAL A 6 -10.41 3.23 -9.03
C VAL A 6 -10.72 4.43 -8.15
N ARG A 7 -11.17 4.15 -6.93
CA ARG A 7 -11.50 5.17 -5.95
C ARG A 7 -11.77 4.53 -4.59
N HIS A 8 -10.81 4.65 -3.68
CA HIS A 8 -10.96 4.09 -2.34
C HIS A 8 -10.60 5.14 -1.29
N SER A 9 -11.11 4.97 -0.07
CA SER A 9 -10.84 5.92 0.99
C SER A 9 -10.76 5.25 2.37
N VAL A 10 -9.82 5.70 3.19
CA VAL A 10 -9.63 5.16 4.54
C VAL A 10 -9.73 6.31 5.54
N THR A 11 -10.32 6.05 6.70
CA THR A 11 -10.49 7.08 7.71
C THR A 11 -9.62 6.83 8.94
N VAL A 12 -8.55 7.60 9.07
CA VAL A 12 -7.63 7.47 10.19
C VAL A 12 -8.13 8.30 11.37
N LYS A 13 -8.49 7.62 12.46
CA LYS A 13 -8.98 8.28 13.67
C LYS A 13 -7.87 8.44 14.69
N ALA A 14 -6.81 9.11 14.31
CA ALA A 14 -5.68 9.32 15.20
C ALA A 14 -5.00 10.66 14.90
N ASP A 15 -4.12 10.66 13.91
CA ASP A 15 -3.40 11.87 13.50
C ASP A 15 -2.78 11.66 12.11
N ARG A 16 -2.50 12.75 11.42
CA ARG A 16 -1.95 12.69 10.07
C ARG A 16 -0.52 12.12 10.05
N LYS A 17 0.27 12.46 11.06
CA LYS A 17 1.64 12.00 11.12
C LYS A 17 1.74 10.51 11.42
N THR A 18 0.90 10.02 12.31
CA THR A 18 0.91 8.60 12.69
C THR A 18 0.56 7.71 11.50
N ALA A 19 -0.36 8.18 10.66
CA ALA A 19 -0.77 7.41 9.48
C ALA A 19 0.41 7.25 8.53
N PHE A 20 1.14 8.34 8.32
CA PHE A 20 2.29 8.34 7.43
C PHE A 20 3.41 7.47 8.02
N LYS A 21 3.57 7.56 9.34
CA LYS A 21 4.60 6.81 10.05
C LYS A 21 4.37 5.30 10.00
N THR A 22 3.12 4.87 10.21
CA THR A 22 2.81 3.44 10.21
C THR A 22 2.84 2.82 8.83
N PHE A 23 2.61 3.62 7.79
CA PHE A 23 2.59 3.10 6.44
C PHE A 23 3.98 3.02 5.81
N LEU A 24 4.86 3.95 6.15
CA LEU A 24 6.20 3.97 5.57
C LEU A 24 7.27 3.43 6.52
N GLU A 25 7.12 3.64 7.82
CA GLU A 25 8.12 3.20 8.78
C GLU A 25 7.52 2.29 9.86
N GLY A 26 6.65 1.39 9.45
CA GLY A 26 6.03 0.48 10.41
C GLY A 26 5.77 -0.89 9.82
N PHE A 27 6.63 -1.30 8.90
CA PHE A 27 6.50 -2.60 8.23
C PHE A 27 6.43 -3.78 9.22
N PRO A 28 7.45 -3.95 10.10
CA PRO A 28 7.46 -5.06 11.06
C PRO A 28 6.64 -4.76 12.32
N GLU A 29 5.61 -3.93 12.16
CA GLU A 29 4.75 -3.57 13.28
C GLU A 29 3.29 -3.88 12.98
N TRP A 30 3.06 -4.59 11.88
CA TRP A 30 1.72 -4.96 11.49
C TRP A 30 1.45 -6.40 11.92
N TRP A 31 0.17 -6.77 11.95
CA TRP A 31 -0.22 -8.13 12.34
C TRP A 31 -1.45 -8.62 11.56
N PRO A 32 -1.50 -8.44 10.22
CA PRO A 32 -2.63 -8.89 9.42
C PRO A 32 -2.47 -10.32 8.92
N ASN A 33 -1.29 -10.64 8.40
CA ASN A 33 -1.01 -11.97 7.88
C ASN A 33 0.49 -12.22 7.87
N ASN A 34 1.27 -11.15 7.66
CA ASN A 34 2.72 -11.27 7.65
C ASN A 34 3.28 -11.33 9.06
N PHE A 35 3.40 -12.54 9.58
CA PHE A 35 3.91 -12.74 10.93
C PHE A 35 5.38 -13.16 10.90
N ARG A 36 5.80 -13.69 9.76
CA ARG A 36 7.17 -14.14 9.60
C ARG A 36 8.05 -13.03 9.06
N THR A 37 8.93 -12.51 9.91
CA THR A 37 9.83 -11.44 9.54
C THR A 37 10.88 -11.92 8.52
N THR A 38 11.59 -10.96 7.92
CA THR A 38 12.62 -11.25 6.92
C THR A 38 12.05 -11.58 5.54
N LYS A 39 11.28 -12.65 5.45
CA LYS A 39 10.69 -13.06 4.18
C LYS A 39 9.50 -12.19 3.80
N VAL A 40 8.88 -11.61 4.80
CA VAL A 40 7.74 -10.73 4.60
C VAL A 40 7.48 -9.88 5.85
N GLY A 41 8.09 -8.70 5.87
CA GLY A 41 7.96 -7.81 7.00
C GLY A 41 9.32 -7.39 7.54
N ALA A 42 10.20 -6.98 6.65
CA ALA A 42 11.53 -6.54 7.02
C ALA A 42 11.49 -5.21 7.78
N PRO A 43 12.54 -4.91 8.56
CA PRO A 43 12.62 -3.65 9.33
C PRO A 43 12.55 -2.40 8.44
N LEU A 44 12.85 -2.57 7.16
CA LEU A 44 12.82 -1.45 6.23
C LEU A 44 11.52 -1.44 5.43
N GLY A 45 11.53 -2.11 4.28
CA GLY A 45 10.34 -2.17 3.45
C GLY A 45 10.25 -1.06 2.43
N VAL A 46 10.15 0.17 2.90
CA VAL A 46 10.04 1.32 2.02
C VAL A 46 11.35 2.10 1.99
N ASP A 47 11.81 2.44 0.79
CA ASP A 47 13.04 3.22 0.63
C ASP A 47 12.71 4.70 0.50
N LYS A 48 13.33 5.51 1.34
CA LYS A 48 13.11 6.95 1.32
C LYS A 48 14.28 7.67 0.67
N LYS A 49 15.17 6.91 0.05
CA LYS A 49 16.34 7.50 -0.61
C LYS A 49 16.01 7.86 -2.05
N GLY A 50 15.54 6.88 -2.80
CA GLY A 50 15.18 7.10 -4.18
C GLY A 50 13.69 7.02 -4.39
N GLY A 51 13.03 6.21 -3.56
CA GLY A 51 11.60 6.07 -3.65
C GLY A 51 11.21 4.76 -4.30
N ARG A 52 11.23 3.69 -3.52
CA ARG A 52 10.88 2.37 -4.03
C ARG A 52 10.58 1.42 -2.86
N TRP A 53 10.01 0.27 -3.18
CA TRP A 53 9.69 -0.73 -2.18
C TRP A 53 10.65 -1.90 -2.32
N TYR A 54 11.19 -2.37 -1.21
CA TYR A 54 12.12 -3.49 -1.24
C TYR A 54 12.31 -4.10 0.14
N GLU A 55 11.98 -5.37 0.25
CA GLU A 55 12.13 -6.09 1.50
C GLU A 55 13.56 -6.58 1.65
N ILE A 56 14.14 -6.37 2.82
CA ILE A 56 15.51 -6.78 3.09
C ILE A 56 15.54 -8.14 3.78
N ASP A 57 16.03 -9.14 3.07
CA ASP A 57 16.12 -10.48 3.60
C ASP A 57 17.58 -10.81 3.91
N GLU A 58 17.80 -11.85 4.70
CA GLU A 58 19.14 -12.26 5.06
C GLU A 58 19.88 -12.80 3.84
N GLN A 59 19.12 -13.26 2.84
CA GLN A 59 19.71 -13.79 1.62
C GLN A 59 19.95 -12.68 0.61
N GLY A 60 19.53 -11.47 0.95
CA GLY A 60 19.71 -10.33 0.07
C GLY A 60 18.44 -9.49 -0.05
N GLU A 61 17.82 -9.50 -1.21
CA GLU A 61 16.60 -8.74 -1.43
C GLU A 61 15.43 -9.66 -1.71
N GLU A 62 14.30 -9.36 -1.11
CA GLU A 62 13.10 -10.15 -1.30
C GLU A 62 12.18 -9.55 -2.35
N HIS A 63 10.88 -9.68 -2.13
CA HIS A 63 9.87 -9.18 -3.05
C HIS A 63 9.71 -7.66 -2.98
N THR A 64 8.78 -7.16 -3.78
CA THR A 64 8.50 -5.74 -3.85
C THR A 64 7.06 -5.51 -4.26
N PHE A 65 6.49 -4.39 -3.85
CA PHE A 65 5.13 -4.05 -4.18
C PHE A 65 5.08 -3.12 -5.39
N GLY A 66 6.20 -2.43 -5.63
CA GLY A 66 6.28 -1.52 -6.75
C GLY A 66 7.30 -0.42 -6.52
N LEU A 67 7.01 0.75 -7.05
CA LEU A 67 7.92 1.89 -6.92
C LEU A 67 7.16 3.13 -6.49
N ILE A 68 7.90 4.17 -6.14
CA ILE A 68 7.31 5.43 -5.72
C ILE A 68 7.56 6.47 -6.81
N ARG A 69 6.50 7.12 -7.26
CA ARG A 69 6.60 8.13 -8.30
C ARG A 69 7.12 9.45 -7.74
N LYS A 70 6.57 9.86 -6.61
CA LYS A 70 6.98 11.11 -5.98
C LYS A 70 6.54 11.13 -4.52
N VAL A 71 7.36 11.75 -3.68
CA VAL A 71 7.07 11.87 -2.25
C VAL A 71 6.85 13.32 -1.86
N ASP A 72 5.64 13.81 -2.05
CA ASP A 72 5.30 15.19 -1.74
C ASP A 72 4.83 15.32 -0.29
N GLU A 73 5.72 14.99 0.64
CA GLU A 73 5.44 15.05 2.08
C GLU A 73 4.18 14.23 2.46
N PRO A 74 3.77 14.20 3.74
CA PRO A 74 2.56 13.45 4.17
C PRO A 74 1.25 14.08 3.66
N ASP A 75 1.28 14.68 2.47
CA ASP A 75 0.11 15.30 1.88
C ASP A 75 -0.33 14.55 0.64
N THR A 76 0.57 14.42 -0.32
CA THR A 76 0.27 13.71 -1.55
C THR A 76 1.32 12.64 -1.82
N LEU A 77 0.86 11.42 -2.09
CA LEU A 77 1.75 10.31 -2.36
C LEU A 77 1.34 9.62 -3.65
N VAL A 78 2.31 9.33 -4.51
CA VAL A 78 2.04 8.65 -5.77
C VAL A 78 2.96 7.45 -5.93
N ILE A 79 2.38 6.26 -6.04
CA ILE A 79 3.17 5.04 -6.18
C ILE A 79 2.63 4.16 -7.31
N GLY A 80 3.41 3.15 -7.69
CA GLY A 80 3.00 2.23 -8.73
C GLY A 80 3.03 0.80 -8.23
N TRP A 81 2.03 0.02 -8.61
CA TRP A 81 1.94 -1.37 -8.16
C TRP A 81 2.48 -2.37 -9.17
N ARG A 82 2.87 -3.53 -8.68
CA ARG A 82 3.41 -4.61 -9.48
C ARG A 82 2.37 -5.72 -9.62
N LEU A 83 2.45 -6.48 -10.72
CA LEU A 83 1.50 -7.57 -10.95
C LEU A 83 2.08 -8.93 -10.54
N ASN A 84 1.25 -9.95 -10.53
CA ASN A 84 1.67 -11.29 -10.14
C ASN A 84 1.47 -12.29 -11.28
N GLY A 85 1.68 -13.57 -11.00
CA GLY A 85 1.51 -14.59 -12.01
C GLY A 85 2.66 -15.56 -12.01
N PHE A 86 2.37 -16.81 -12.33
CA PHE A 86 3.40 -17.86 -12.36
C PHE A 86 4.14 -17.85 -13.70
N GLY A 87 3.55 -18.51 -14.69
CA GLY A 87 4.17 -18.57 -16.00
C GLY A 87 3.77 -17.39 -16.86
N ARG A 88 4.58 -16.34 -16.82
CA ARG A 88 4.31 -15.14 -17.60
C ARG A 88 5.54 -14.27 -17.69
N ILE A 89 5.49 -13.26 -18.56
CA ILE A 89 6.60 -12.33 -18.73
C ILE A 89 6.68 -11.36 -17.55
N ASP A 90 7.82 -10.68 -17.41
CA ASP A 90 8.01 -9.72 -16.32
C ASP A 90 7.06 -8.53 -16.45
N PRO A 91 6.61 -7.99 -15.31
CA PRO A 91 5.67 -6.87 -15.27
C PRO A 91 6.18 -5.62 -16.00
N ASP A 92 5.63 -5.38 -17.18
CA ASP A 92 5.99 -4.20 -17.97
C ASP A 92 4.86 -3.18 -17.94
N ASN A 93 3.65 -3.67 -17.70
CA ASN A 93 2.46 -2.82 -17.63
C ASN A 93 2.49 -1.91 -16.40
N SER A 94 2.18 -2.49 -15.24
CA SER A 94 2.17 -1.77 -13.97
C SER A 94 1.02 -0.75 -13.90
N SER A 95 0.69 -0.32 -12.69
CA SER A 95 -0.37 0.65 -12.49
C SER A 95 -0.06 1.60 -11.35
N GLU A 96 -0.09 2.89 -11.64
CA GLU A 96 0.19 3.92 -10.64
C GLU A 96 -1.12 4.52 -10.12
N PHE A 97 -1.10 5.02 -8.89
CA PHE A 97 -2.28 5.60 -8.28
C PHE A 97 -1.92 6.86 -7.49
N THR A 98 -2.84 7.82 -7.47
CA THR A 98 -2.63 9.08 -6.75
C THR A 98 -3.31 8.98 -5.38
N VAL A 99 -2.54 9.24 -4.33
CA VAL A 99 -3.06 9.18 -2.96
C VAL A 99 -3.01 10.54 -2.28
N THR A 100 -4.14 10.97 -1.73
CA THR A 100 -4.21 12.27 -1.05
C THR A 100 -4.60 12.08 0.41
N PHE A 101 -3.84 12.70 1.31
CA PHE A 101 -4.10 12.61 2.73
C PHE A 101 -4.84 13.85 3.24
N VAL A 102 -6.15 13.86 3.11
CA VAL A 102 -6.96 14.99 3.56
C VAL A 102 -7.29 14.84 5.04
N ALA A 103 -6.71 15.69 5.87
CA ALA A 103 -6.95 15.63 7.30
C ALA A 103 -7.93 16.70 7.75
N ASP A 104 -8.84 16.32 8.63
CA ASP A 104 -9.83 17.25 9.16
C ASP A 104 -9.77 17.24 10.68
N GLY A 105 -9.59 18.42 11.27
CA GLY A 105 -9.53 18.53 12.71
C GLY A 105 -8.16 18.12 13.24
N GLN A 106 -7.23 17.87 12.32
CA GLN A 106 -5.86 17.46 12.65
C GLN A 106 -5.81 16.11 13.37
N LYS A 107 -6.87 15.33 13.23
CA LYS A 107 -6.94 14.02 13.84
C LYS A 107 -7.59 13.01 12.91
N LYS A 108 -8.76 13.35 12.40
CA LYS A 108 -9.47 12.49 11.47
C LYS A 108 -8.92 12.70 10.06
N THR A 109 -8.06 11.79 9.64
CA THR A 109 -7.42 11.88 8.34
C THR A 109 -8.06 10.91 7.34
N ARG A 110 -8.68 11.46 6.32
CA ARG A 110 -9.32 10.66 5.31
C ARG A 110 -8.45 10.60 4.05
N VAL A 111 -7.82 9.45 3.85
CA VAL A 111 -6.94 9.27 2.70
C VAL A 111 -7.71 8.68 1.52
N ASP A 112 -7.66 9.37 0.39
CA ASP A 112 -8.35 8.91 -0.82
C ASP A 112 -7.36 8.56 -1.92
N VAL A 113 -7.71 7.56 -2.71
CA VAL A 113 -6.88 7.11 -3.81
C VAL A 113 -7.67 7.16 -5.11
N GLU A 114 -7.17 7.91 -6.08
CA GLU A 114 -7.85 8.06 -7.36
C GLU A 114 -6.90 7.94 -8.54
N HIS A 115 -7.46 7.56 -9.68
CA HIS A 115 -6.71 7.42 -10.93
C HIS A 115 -7.68 7.02 -12.03
N THR A 116 -7.32 7.29 -13.27
CA THR A 116 -8.16 6.96 -14.43
C THR A 116 -7.30 6.82 -15.68
N HIS A 117 -6.74 5.63 -15.90
CA HIS A 117 -5.89 5.37 -17.04
C HIS A 117 -5.45 3.90 -17.09
N PHE A 118 -4.67 3.50 -16.09
CA PHE A 118 -4.17 2.14 -16.02
C PHE A 118 -5.11 1.20 -15.26
N ASP A 119 -6.25 1.74 -14.85
CA ASP A 119 -7.24 0.98 -14.11
C ASP A 119 -8.24 0.35 -15.06
N ARG A 120 -8.61 1.08 -16.10
CA ARG A 120 -9.58 0.61 -17.09
C ARG A 120 -8.99 -0.42 -18.05
N MET A 121 -7.88 -1.01 -17.66
CA MET A 121 -7.23 -2.03 -18.48
C MET A 121 -7.20 -3.34 -17.72
N GLY A 122 -7.98 -3.41 -16.64
CA GLY A 122 -8.03 -4.59 -15.81
C GLY A 122 -8.85 -5.71 -16.40
N THR A 123 -9.98 -6.00 -15.76
CA THR A 123 -10.88 -7.07 -16.20
C THR A 123 -10.15 -8.41 -16.28
N LYS A 124 -9.61 -8.74 -17.45
CA LYS A 124 -8.87 -9.99 -17.60
C LYS A 124 -7.56 -9.91 -16.80
N HIS A 125 -7.03 -8.70 -16.70
CA HIS A 125 -5.80 -8.48 -15.94
C HIS A 125 -6.08 -8.61 -14.46
N ALA A 126 -7.21 -8.04 -14.02
CA ALA A 126 -7.61 -8.09 -12.63
C ALA A 126 -7.92 -9.52 -12.22
N LYS A 127 -8.55 -10.25 -13.13
CA LYS A 127 -8.92 -11.63 -12.89
C LYS A 127 -7.68 -12.49 -12.62
N ARG A 128 -6.56 -12.12 -13.24
CA ARG A 128 -5.32 -12.84 -13.07
C ARG A 128 -4.61 -12.44 -11.77
N VAL A 129 -4.57 -11.15 -11.48
CA VAL A 129 -3.90 -10.66 -10.28
C VAL A 129 -4.67 -11.02 -9.01
N ARG A 130 -5.97 -11.26 -9.14
CA ARG A 130 -6.81 -11.61 -8.00
C ARG A 130 -6.51 -13.00 -7.46
N ASN A 131 -5.61 -13.71 -8.14
CA ASN A 131 -5.20 -15.04 -7.72
C ASN A 131 -4.35 -14.97 -6.46
N GLY A 132 -3.65 -13.84 -6.28
CA GLY A 132 -2.80 -13.70 -5.10
C GLY A 132 -2.95 -12.37 -4.39
N MET A 133 -3.28 -11.32 -5.13
CA MET A 133 -3.42 -9.99 -4.53
C MET A 133 -4.76 -9.82 -3.82
N ASP A 134 -5.77 -10.53 -4.30
CA ASP A 134 -7.12 -10.45 -3.73
C ASP A 134 -7.18 -11.09 -2.34
N LYS A 135 -6.11 -11.77 -1.96
CA LYS A 135 -6.06 -12.43 -0.66
C LYS A 135 -5.38 -11.57 0.40
N GLY A 136 -4.81 -10.45 -0.01
CA GLY A 136 -4.12 -9.60 0.95
C GLY A 136 -4.50 -8.13 0.87
N TRP A 137 -4.67 -7.62 -0.35
CA TRP A 137 -5.00 -6.21 -0.55
C TRP A 137 -6.24 -5.74 0.24
N PRO A 138 -7.43 -6.34 0.02
CA PRO A 138 -8.65 -5.93 0.74
C PRO A 138 -8.59 -6.24 2.24
N THR A 139 -7.97 -7.36 2.58
CA THR A 139 -7.84 -7.79 3.96
C THR A 139 -6.94 -6.83 4.76
N ILE A 140 -5.85 -6.40 4.15
CA ILE A 140 -4.92 -5.49 4.79
C ILE A 140 -5.55 -4.14 5.08
N LEU A 141 -6.33 -3.64 4.12
CA LEU A 141 -7.00 -2.34 4.27
C LEU A 141 -7.92 -2.32 5.49
N GLN A 142 -8.73 -3.37 5.62
CA GLN A 142 -9.66 -3.48 6.73
C GLN A 142 -8.91 -3.58 8.06
N SER A 143 -7.83 -4.33 8.06
CA SER A 143 -7.01 -4.52 9.26
C SER A 143 -6.35 -3.21 9.69
N PHE A 144 -5.81 -2.48 8.72
CA PHE A 144 -5.14 -1.21 9.01
C PHE A 144 -6.13 -0.20 9.57
N GLN A 145 -7.34 -0.21 9.00
CA GLN A 145 -8.41 0.69 9.43
C GLN A 145 -8.74 0.49 10.92
N ASP A 146 -8.64 -0.75 11.38
CA ASP A 146 -8.93 -1.05 12.78
C ASP A 146 -7.70 -0.88 13.68
N LYS A 147 -6.52 -1.22 13.16
CA LYS A 147 -5.28 -1.10 13.93
C LYS A 147 -5.00 0.34 14.34
N ILE A 148 -5.05 1.25 13.37
CA ILE A 148 -4.79 2.67 13.63
C ILE A 148 -5.85 3.24 14.58
N ASP A 149 -7.06 2.72 14.47
CA ASP A 149 -8.16 3.17 15.33
C ASP A 149 -7.96 2.63 16.74
N GLU A 150 -7.50 1.40 16.83
CA GLU A 150 -7.25 0.76 18.12
C GLU A 150 -6.14 1.51 18.86
N GLU A 151 -5.02 1.68 18.17
CA GLU A 151 -3.87 2.36 18.74
C GLU A 151 -3.96 3.86 18.50
N GLY A 152 -5.04 4.48 18.98
CA GLY A 152 -5.21 5.90 18.79
C GLY A 152 -6.55 6.42 19.28
N ALA A 153 -7.62 5.68 18.98
CA ALA A 153 -8.96 6.08 19.39
C ALA A 153 -9.52 5.18 20.48
N LYS A 154 -9.45 3.87 20.27
CA LYS A 154 -9.95 2.92 21.26
C LYS A 154 -9.13 2.99 22.54
N LYS A 155 -7.83 2.81 22.41
CA LYS A 155 -6.92 2.86 23.56
C LYS A 155 -5.67 3.66 23.19
C1 DAG B . 11.03 -20.09 -11.97
C2 DAG B . 12.21 -19.44 -11.23
C3 DAG B . 11.71 -18.33 -10.32
C4 DAG B . 10.86 -17.35 -11.11
C5 DAG B . 9.77 -18.10 -11.87
C6 DAG B . 8.95 -17.10 -12.71
O1 DAG B . 11.52 -21.11 -12.84
O2 DAG B . 12.89 -20.44 -10.45
O3 DAG B . 12.82 -17.66 -9.72
N4 DAG B . 10.27 -16.35 -10.21
O5 DAG B . 10.34 -19.09 -12.73
HO3 DAG B . 13.41 -18.33 -9.25
C1 EMP B . 14.22 -20.54 -10.33
C2 EMP B . 14.90 -21.15 -9.10
C3 EMP B . 14.51 -22.63 -9.01
C4 EMP B . 14.90 -23.31 -10.32
C5 EMP B . 14.24 -22.58 -11.50
C6 EMP B . 14.85 -25.41 -11.52
C7 EMP B . 13.96 -24.95 -12.68
C8 EMP B . 14.81 -22.62 -6.69
O3 EMP B . 15.20 -23.25 -7.91
N4 EMP B . 14.46 -24.72 -10.28
O5 EMP B . 14.66 -21.21 -11.51
HN4 EMP B . 14.90 -25.18 -9.50
HAA EMP B . 13.47 -24.76 -10.18
C1 DSR C . 8.36 -16.27 -8.98
C2 DSR C . 7.51 -17.16 -8.08
C3 DSR C . 6.22 -16.41 -7.72
C4 DSR C . 6.58 -15.05 -7.10
C5 DSR C . 7.51 -14.28 -8.04
C6 DSR C . 7.91 -12.96 -7.38
O1 DSR C . 9.56 -16.96 -9.34
O3 DSR C . 5.45 -16.18 -8.90
O5 DSR C . 8.69 -15.06 -8.31
S4 DSR C . 5.07 -14.07 -6.75
HO3 DSR C . 5.96 -15.59 -9.52
C1 HIB D . 3.39 -12.87 -2.14
C2 HIB D . 3.20 -11.50 -2.19
C3 HIB D . 3.85 -10.73 -3.14
C4 HIB D . 4.71 -11.35 -4.06
C5 HIB D . 4.91 -12.72 -4.01
C6 HIB D . 4.25 -13.48 -3.05
C7 HIB D . 5.85 -13.39 -5.00
C8 HIB D . 4.48 -14.99 -3.00
C9 HIB D . 4.64 -8.76 -2.34
CX HIB D . 4.54 -9.50 -5.42
O3 HIB D . 3.67 -9.38 -3.17
O4 HIB D . 5.35 -10.60 -5.01
O7 HIB D . 7.03 -13.22 -5.31
I1 HIB D . 2.39 -14.02 -0.71
C1 MRP E . 0.85 -9.88 -1.77
C2 MRP E . -0.39 -10.46 -1.11
C3 MRP E . -0.20 -10.50 0.41
C4 MRP E . 0.14 -9.09 0.88
C5 MRP E . 1.35 -8.55 0.12
C6 MRP E . 1.65 -7.12 0.57
C7 MRP E . -1.70 -12.29 0.61
O1 MRP E . 1.98 -10.68 -1.46
O2 MRP E . -1.52 -9.65 -1.43
O3 MRP E . -1.39 -10.97 1.06
O4 MRP E . 0.44 -9.11 2.28
O5 MRP E . 1.07 -8.55 -1.29
HO2 MRP E . -1.37 -8.73 -1.10
HO4 MRP E . 1.21 -9.73 2.45
C1 MTC F . 10.45 -22.71 -13.11
C2 MTC F . 9.19 -22.05 -12.78
C3 MTC F . 8.10 -21.50 -12.65
C4 MTC F . 6.81 -20.89 -12.69
C5 MTC F . 6.39 -20.62 -13.99
C6 MTC F . 7.33 -21.04 -14.98
C7 MTC F . 8.22 -21.41 -15.73
C8 MTC F . 9.36 -21.89 -16.54
C9 MTC F . 9.05 -23.23 -17.20
C10 MTC F . 9.05 -24.33 -16.14
C11 MTC F . 9.92 -24.30 -15.04
C12 MTC F . 10.36 -23.05 -14.60
C13 MTC F . 10.54 -22.09 -15.59
C14 MTC F . 11.77 -21.19 -15.72
C15 MTC F . 13.06 -22.01 -15.61
C16 MTC F . 15.30 -24.28 -17.67
C17 MTC F . 9.86 -26.61 -14.68
C18 MTC F . 9.75 -28.87 -14.39
O8 MTC F . 9.68 -20.91 -17.54
O10 MTC F . 8.22 -25.22 -16.23
O71 MTC F . 9.26 -26.88 -15.71
O72 MTC F . 10.24 -27.63 -13.87
N11 MTC F . 10.24 -25.38 -14.33
S1 MTC F . 14.57 -20.99 -15.76
S2 MTC F . 16.09 -22.33 -15.63
S3 MTC F . 16.41 -22.90 -17.56
HO8 MTC F . 9.69 -20.00 -17.13
H11 MTC F . 10.78 -25.24 -13.49
N ASN A 1 -14.36 0.68 -8.43
CA ASN A 1 -13.53 -0.51 -8.12
C ASN A 1 -12.91 -1.08 -9.39
N TYR A 2 -11.58 -1.12 -9.43
CA TYR A 2 -10.82 -1.65 -10.58
C TYR A 2 -11.25 -1.14 -11.96
N ASP A 3 -11.90 -2.01 -12.75
CA ASP A 3 -12.33 -1.69 -14.12
C ASP A 3 -13.07 -0.34 -14.28
N PRO A 4 -14.27 -0.19 -13.66
CA PRO A 4 -15.05 1.06 -13.76
C PRO A 4 -14.22 2.30 -13.42
N PHE A 5 -13.51 2.23 -12.29
CA PHE A 5 -12.67 3.32 -11.81
C PHE A 5 -12.02 2.93 -10.49
N VAL A 6 -10.86 3.51 -10.18
CA VAL A 6 -10.18 3.21 -8.93
C VAL A 6 -10.29 4.38 -7.94
N ARG A 7 -11.26 4.28 -7.04
CA ARG A 7 -11.47 5.31 -6.03
C ARG A 7 -11.75 4.67 -4.67
N HIS A 8 -10.75 4.72 -3.80
CA HIS A 8 -10.87 4.12 -2.47
C HIS A 8 -10.66 5.20 -1.40
N SER A 9 -11.26 4.99 -0.24
CA SER A 9 -11.13 5.95 0.85
C SER A 9 -11.00 5.24 2.18
N VAL A 10 -10.03 5.67 2.99
CA VAL A 10 -9.80 5.09 4.30
C VAL A 10 -9.88 6.18 5.37
N THR A 11 -10.47 5.86 6.51
CA THR A 11 -10.62 6.82 7.60
C THR A 11 -9.68 6.48 8.76
N VAL A 12 -8.70 7.32 8.98
CA VAL A 12 -7.74 7.11 10.05
C VAL A 12 -8.11 7.96 11.27
N LYS A 13 -8.10 7.34 12.45
CA LYS A 13 -8.45 8.04 13.69
C LYS A 13 -7.25 8.11 14.65
N ALA A 14 -6.47 9.17 14.48
CA ALA A 14 -5.27 9.41 15.30
C ALA A 14 -4.71 10.79 14.98
N ASP A 15 -3.91 10.86 13.91
CA ASP A 15 -3.30 12.11 13.46
C ASP A 15 -2.70 11.92 12.06
N ARG A 16 -2.09 12.97 11.54
CA ARG A 16 -1.49 12.93 10.20
C ARG A 16 -0.15 12.18 10.19
N LYS A 17 0.61 12.32 11.26
CA LYS A 17 1.92 11.68 11.36
C LYS A 17 1.82 10.17 11.52
N THR A 18 0.95 9.73 12.43
CA THR A 18 0.78 8.30 12.69
C THR A 18 0.46 7.52 11.42
N ALA A 19 -0.48 8.03 10.63
CA ALA A 19 -0.89 7.38 9.40
C ALA A 19 0.27 7.27 8.41
N PHE A 20 1.00 8.37 8.24
CA PHE A 20 2.12 8.40 7.31
C PHE A 20 3.28 7.51 7.80
N LYS A 21 3.49 7.49 9.10
CA LYS A 21 4.56 6.70 9.69
C LYS A 21 4.30 5.21 9.57
N THR A 22 3.07 4.79 9.87
CA THR A 22 2.71 3.37 9.80
C THR A 22 2.73 2.83 8.36
N PHE A 23 2.49 3.71 7.40
CA PHE A 23 2.47 3.30 6.00
C PHE A 23 3.83 3.52 5.34
N LEU A 24 4.83 3.88 6.13
CA LEU A 24 6.16 4.13 5.60
C LEU A 24 7.24 3.36 6.34
N GLU A 25 7.31 3.53 7.66
CA GLU A 25 8.32 2.88 8.46
C GLU A 25 7.72 1.78 9.34
N GLY A 26 6.41 1.74 9.44
CA GLY A 26 5.76 0.74 10.25
C GLY A 26 5.58 -0.56 9.49
N PHE A 27 6.59 -1.41 9.53
CA PHE A 27 6.54 -2.69 8.83
C PHE A 27 6.49 -3.88 9.79
N PRO A 28 7.46 -4.01 10.72
CA PRO A 28 7.48 -5.15 11.67
C PRO A 28 6.45 -4.99 12.80
N GLU A 29 5.37 -4.29 12.51
CA GLU A 29 4.31 -4.06 13.48
C GLU A 29 2.98 -4.62 12.97
N TRP A 30 3.01 -5.21 11.78
CA TRP A 30 1.81 -5.80 11.21
C TRP A 30 1.53 -7.13 11.88
N TRP A 31 0.33 -7.65 11.70
CA TRP A 31 -0.04 -8.92 12.30
C TRP A 31 -1.00 -9.73 11.42
N PRO A 32 -2.19 -9.19 11.07
CA PRO A 32 -3.15 -9.92 10.22
C PRO A 32 -2.72 -9.99 8.75
N ASN A 33 -1.49 -10.45 8.52
CA ASN A 33 -0.95 -10.59 7.19
C ASN A 33 0.37 -11.36 7.21
N ASN A 34 1.38 -10.75 7.80
CA ASN A 34 2.70 -11.38 7.89
C ASN A 34 3.05 -11.74 9.32
N PHE A 35 3.33 -13.02 9.54
CA PHE A 35 3.70 -13.51 10.86
C PHE A 35 5.15 -13.97 10.89
N ARG A 36 5.86 -13.77 9.79
CA ARG A 36 7.25 -14.18 9.70
C ARG A 36 8.12 -13.07 9.12
N THR A 37 8.89 -12.42 9.99
CA THR A 37 9.77 -11.34 9.57
C THR A 37 10.90 -11.89 8.68
N THR A 38 11.60 -10.98 8.00
CA THR A 38 12.70 -11.34 7.11
C THR A 38 12.20 -11.92 5.79
N LYS A 39 11.25 -12.86 5.88
CA LYS A 39 10.66 -13.47 4.68
C LYS A 39 9.55 -12.57 4.14
N VAL A 40 8.90 -11.85 5.06
CA VAL A 40 7.83 -10.95 4.71
C VAL A 40 7.61 -9.97 5.87
N GLY A 41 8.08 -8.75 5.69
CA GLY A 41 7.96 -7.74 6.72
C GLY A 41 9.30 -7.45 7.36
N ALA A 42 10.23 -6.98 6.56
CA ALA A 42 11.58 -6.66 7.03
C ALA A 42 11.61 -5.29 7.71
N PRO A 43 12.70 -4.94 8.41
CA PRO A 43 12.85 -3.65 9.10
C PRO A 43 13.12 -2.49 8.14
N LEU A 44 12.36 -2.44 7.06
CA LEU A 44 12.49 -1.38 6.07
C LEU A 44 11.23 -1.30 5.22
N GLY A 45 11.18 -2.10 4.16
CA GLY A 45 10.02 -2.12 3.30
C GLY A 45 10.01 -1.00 2.29
N VAL A 46 9.82 0.23 2.77
CA VAL A 46 9.76 1.38 1.89
C VAL A 46 11.05 2.17 1.93
N ASP A 47 11.54 2.55 0.77
CA ASP A 47 12.76 3.35 0.66
C ASP A 47 12.40 4.79 0.37
N LYS A 48 12.65 5.66 1.34
CA LYS A 48 12.35 7.07 1.19
C LYS A 48 13.60 7.86 0.79
N LYS A 49 14.56 7.17 0.19
CA LYS A 49 15.79 7.81 -0.25
C LYS A 49 15.71 8.09 -1.74
N GLY A 50 15.41 7.03 -2.49
CA GLY A 50 15.29 7.15 -3.93
C GLY A 50 13.85 7.02 -4.39
N GLY A 51 13.03 6.38 -3.56
CA GLY A 51 11.63 6.21 -3.89
C GLY A 51 11.35 4.84 -4.47
N ARG A 52 11.49 3.81 -3.64
CA ARG A 52 11.26 2.45 -4.09
C ARG A 52 10.80 1.58 -2.93
N TRP A 53 10.43 0.35 -3.24
CA TRP A 53 9.98 -0.60 -2.22
C TRP A 53 10.87 -1.84 -2.31
N TYR A 54 11.36 -2.32 -1.18
CA TYR A 54 12.22 -3.50 -1.16
C TYR A 54 12.34 -4.10 0.25
N GLU A 55 12.16 -5.41 0.31
CA GLU A 55 12.26 -6.14 1.57
C GLU A 55 13.70 -6.61 1.78
N ILE A 56 14.08 -6.76 3.03
CA ILE A 56 15.44 -7.19 3.37
C ILE A 56 15.43 -8.63 3.86
N ASP A 57 16.22 -9.47 3.21
CA ASP A 57 16.33 -10.87 3.57
C ASP A 57 17.80 -11.22 3.77
N GLU A 58 18.07 -12.37 4.37
CA GLU A 58 19.44 -12.80 4.62
C GLU A 58 20.18 -13.05 3.31
N GLN A 59 19.45 -13.39 2.25
CA GLN A 59 20.06 -13.63 0.94
C GLN A 59 20.17 -12.35 0.14
N GLY A 60 19.63 -11.27 0.67
CA GLY A 60 19.67 -9.99 0.00
C GLY A 60 18.35 -9.26 0.01
N GLU A 61 17.68 -9.23 -1.13
CA GLU A 61 16.39 -8.56 -1.24
C GLU A 61 15.28 -9.56 -1.53
N GLU A 62 14.13 -9.37 -0.91
CA GLU A 62 12.99 -10.26 -1.12
C GLU A 62 12.07 -9.72 -2.21
N HIS A 63 10.77 -9.74 -1.95
CA HIS A 63 9.77 -9.26 -2.91
C HIS A 63 9.66 -7.74 -2.87
N THR A 64 8.94 -7.18 -3.83
CA THR A 64 8.74 -5.75 -3.91
C THR A 64 7.34 -5.42 -4.43
N PHE A 65 6.66 -4.51 -3.75
CA PHE A 65 5.31 -4.11 -4.13
C PHE A 65 5.31 -3.25 -5.39
N GLY A 66 6.38 -2.47 -5.56
CA GLY A 66 6.50 -1.60 -6.70
C GLY A 66 7.53 -0.51 -6.50
N LEU A 67 7.24 0.68 -7.03
CA LEU A 67 8.14 1.82 -6.93
C LEU A 67 7.37 3.10 -6.61
N ILE A 68 8.09 4.15 -6.28
CA ILE A 68 7.47 5.42 -5.96
C ILE A 68 7.71 6.40 -7.10
N ARG A 69 6.69 7.21 -7.39
CA ARG A 69 6.77 8.19 -8.46
C ARG A 69 7.20 9.54 -7.91
N LYS A 70 6.63 9.93 -6.78
CA LYS A 70 6.96 11.19 -6.16
C LYS A 70 6.61 11.17 -4.68
N VAL A 71 7.40 11.87 -3.88
CA VAL A 71 7.20 11.96 -2.45
C VAL A 71 7.00 13.41 -2.03
N ASP A 72 5.82 13.93 -2.32
CA ASP A 72 5.49 15.31 -2.02
C ASP A 72 4.96 15.46 -0.59
N GLU A 73 5.86 15.26 0.38
CA GLU A 73 5.54 15.35 1.81
C GLU A 73 4.36 14.44 2.20
N PRO A 74 3.95 14.38 3.49
CA PRO A 74 2.80 13.56 3.92
C PRO A 74 1.48 14.19 3.45
N ASP A 75 1.43 14.54 2.18
CA ASP A 75 0.26 15.17 1.58
C ASP A 75 -0.03 14.57 0.21
N THR A 76 0.98 14.52 -0.63
CA THR A 76 0.83 13.96 -1.96
C THR A 76 1.73 12.74 -2.15
N LEU A 77 1.12 11.57 -2.22
CA LEU A 77 1.87 10.33 -2.38
C LEU A 77 1.49 9.65 -3.70
N VAL A 78 2.48 9.34 -4.51
CA VAL A 78 2.26 8.69 -5.80
C VAL A 78 3.13 7.44 -5.93
N ILE A 79 2.50 6.28 -6.01
CA ILE A 79 3.23 5.01 -6.13
C ILE A 79 2.68 4.15 -7.26
N GLY A 80 3.44 3.13 -7.62
CA GLY A 80 3.02 2.24 -8.68
C GLY A 80 3.07 0.79 -8.24
N TRP A 81 1.94 0.09 -8.38
CA TRP A 81 1.85 -1.31 -7.97
C TRP A 81 2.17 -2.24 -9.14
N ARG A 82 2.57 -3.46 -8.83
CA ARG A 82 2.92 -4.45 -9.84
C ARG A 82 1.84 -5.54 -9.92
N LEU A 83 2.01 -6.47 -10.84
CA LEU A 83 1.05 -7.56 -11.02
C LEU A 83 1.66 -8.91 -10.65
N ASN A 84 0.82 -9.83 -10.22
CA ASN A 84 1.27 -11.17 -9.82
C ASN A 84 1.28 -12.11 -11.02
N GLY A 85 1.38 -13.40 -10.75
CA GLY A 85 1.40 -14.39 -11.81
C GLY A 85 2.54 -15.38 -11.64
N PHE A 86 2.38 -16.56 -12.22
CA PHE A 86 3.41 -17.60 -12.12
C PHE A 86 4.23 -17.66 -13.39
N GLY A 87 3.76 -18.42 -14.37
CA GLY A 87 4.46 -18.57 -15.62
C GLY A 87 4.13 -17.44 -16.58
N ARG A 88 4.38 -16.21 -16.15
CA ARG A 88 4.11 -15.05 -16.97
C ARG A 88 5.38 -14.24 -17.20
N ILE A 89 5.40 -13.49 -18.31
CA ILE A 89 6.54 -12.66 -18.66
C ILE A 89 6.69 -11.49 -17.68
N ASP A 90 7.74 -10.71 -17.84
CA ASP A 90 8.01 -9.57 -16.97
C ASP A 90 6.82 -8.59 -16.94
N PRO A 91 6.51 -8.05 -15.76
CA PRO A 91 5.39 -7.13 -15.59
C PRO A 91 5.75 -5.68 -15.91
N ASP A 92 6.14 -5.44 -17.15
CA ASP A 92 6.50 -4.10 -17.58
C ASP A 92 5.25 -3.32 -17.97
N ASN A 93 4.47 -2.94 -16.96
CA ASN A 93 3.26 -2.18 -17.17
C ASN A 93 2.97 -1.36 -15.92
N SER A 94 2.73 -2.06 -14.82
CA SER A 94 2.47 -1.45 -13.52
C SER A 94 1.20 -0.61 -13.50
N SER A 95 0.79 -0.18 -12.31
CA SER A 95 -0.39 0.64 -12.15
C SER A 95 -0.11 1.75 -11.13
N GLU A 96 -0.06 2.97 -11.62
CA GLU A 96 0.21 4.12 -10.76
C GLU A 96 -1.07 4.74 -10.23
N PHE A 97 -1.05 5.14 -8.96
CA PHE A 97 -2.22 5.74 -8.32
C PHE A 97 -1.86 7.02 -7.58
N THR A 98 -2.79 7.95 -7.54
CA THR A 98 -2.58 9.22 -6.85
C THR A 98 -3.29 9.21 -5.50
N VAL A 99 -2.52 9.39 -4.42
CA VAL A 99 -3.08 9.38 -3.07
C VAL A 99 -3.10 10.78 -2.48
N THR A 100 -4.24 11.15 -1.91
CA THR A 100 -4.42 12.45 -1.29
C THR A 100 -4.73 12.29 0.20
N PHE A 101 -4.15 13.15 1.03
CA PHE A 101 -4.37 13.11 2.47
C PHE A 101 -5.14 14.33 2.94
N VAL A 102 -6.39 14.14 3.32
CA VAL A 102 -7.23 15.23 3.80
C VAL A 102 -7.59 15.01 5.27
N ALA A 103 -7.04 15.83 6.14
CA ALA A 103 -7.28 15.71 7.56
C ALA A 103 -8.32 16.73 8.04
N ASP A 104 -9.16 16.31 8.98
CA ASP A 104 -10.18 17.17 9.55
C ASP A 104 -10.04 17.19 11.06
N GLY A 105 -9.62 18.33 11.59
CA GLY A 105 -9.45 18.47 13.02
C GLY A 105 -8.15 17.84 13.49
N GLN A 106 -7.27 17.53 12.54
CA GLN A 106 -5.97 16.92 12.82
C GLN A 106 -6.07 15.44 13.25
N LYS A 107 -7.03 15.14 14.12
CA LYS A 107 -7.22 13.78 14.61
C LYS A 107 -7.82 12.85 13.57
N LYS A 108 -8.74 13.36 12.77
CA LYS A 108 -9.38 12.56 11.74
C LYS A 108 -8.69 12.75 10.39
N THR A 109 -7.99 11.74 9.96
CA THR A 109 -7.26 11.80 8.70
C THR A 109 -7.92 10.90 7.65
N ARG A 110 -8.33 11.50 6.55
CA ARG A 110 -8.95 10.76 5.48
C ARG A 110 -8.02 10.64 4.28
N VAL A 111 -7.85 9.43 3.78
CA VAL A 111 -6.99 9.19 2.65
C VAL A 111 -7.80 8.62 1.49
N ASP A 112 -7.74 9.30 0.34
CA ASP A 112 -8.49 8.86 -0.83
C ASP A 112 -7.57 8.62 -2.02
N VAL A 113 -7.94 7.66 -2.85
CA VAL A 113 -7.19 7.32 -4.04
C VAL A 113 -8.00 7.66 -5.28
N GLU A 114 -7.37 8.34 -6.22
CA GLU A 114 -8.03 8.75 -7.45
C GLU A 114 -7.10 8.56 -8.64
N HIS A 115 -7.63 8.00 -9.72
CA HIS A 115 -6.87 7.77 -10.94
C HIS A 115 -7.79 7.22 -12.03
N THR A 116 -7.48 7.54 -13.28
CA THR A 116 -8.25 7.08 -14.42
C THR A 116 -7.36 6.95 -15.66
N HIS A 117 -6.78 5.77 -15.85
CA HIS A 117 -5.89 5.49 -16.99
C HIS A 117 -5.48 4.03 -16.99
N PHE A 118 -4.85 3.59 -15.90
CA PHE A 118 -4.39 2.22 -15.78
C PHE A 118 -5.46 1.33 -15.16
N ASP A 119 -6.56 1.94 -14.75
CA ASP A 119 -7.66 1.22 -14.13
C ASP A 119 -8.62 0.66 -15.18
N ARG A 120 -8.87 1.44 -16.22
CA ARG A 120 -9.78 1.03 -17.29
C ARG A 120 -9.11 0.05 -18.26
N MET A 121 -8.62 -1.05 -17.73
CA MET A 121 -7.97 -2.07 -18.53
C MET A 121 -7.78 -3.36 -17.72
N GLY A 122 -8.65 -3.56 -16.75
CA GLY A 122 -8.55 -4.73 -15.90
C GLY A 122 -9.07 -5.99 -16.57
N THR A 123 -10.29 -6.38 -16.19
CA THR A 123 -10.94 -7.58 -16.73
C THR A 123 -10.06 -8.82 -16.59
N LYS A 124 -9.41 -9.22 -17.67
CA LYS A 124 -8.54 -10.40 -17.64
C LYS A 124 -7.33 -10.15 -16.73
N HIS A 125 -6.87 -8.91 -16.70
CA HIS A 125 -5.73 -8.54 -15.87
C HIS A 125 -6.14 -8.58 -14.40
N ALA A 126 -7.36 -8.12 -14.14
CA ALA A 126 -7.90 -8.10 -12.79
C ALA A 126 -8.04 -9.53 -12.26
N LYS A 127 -8.68 -10.38 -13.04
CA LYS A 127 -8.90 -11.77 -12.65
C LYS A 127 -7.57 -12.49 -12.43
N ARG A 128 -6.54 -12.05 -13.14
CA ARG A 128 -5.21 -12.64 -13.04
C ARG A 128 -4.46 -12.13 -11.81
N VAL A 129 -4.49 -10.83 -11.58
CA VAL A 129 -3.79 -10.24 -10.45
C VAL A 129 -4.49 -10.54 -9.12
N ARG A 130 -5.81 -10.69 -9.16
CA ARG A 130 -6.59 -10.98 -7.96
C ARG A 130 -6.39 -12.43 -7.49
N ASN A 131 -5.60 -13.18 -8.24
CA ASN A 131 -5.32 -14.56 -7.89
C ASN A 131 -4.39 -14.61 -6.68
N GLY A 132 -3.70 -13.50 -6.44
CA GLY A 132 -2.79 -13.43 -5.31
C GLY A 132 -2.96 -12.15 -4.50
N MET A 133 -3.05 -11.03 -5.20
CA MET A 133 -3.19 -9.72 -4.54
C MET A 133 -4.48 -9.61 -3.72
N ASP A 134 -5.56 -10.19 -4.23
CA ASP A 134 -6.86 -10.14 -3.57
C ASP A 134 -6.87 -10.96 -2.28
N LYS A 135 -5.84 -11.76 -2.07
CA LYS A 135 -5.75 -12.59 -0.88
C LYS A 135 -5.18 -11.82 0.31
N GLY A 136 -4.69 -10.61 0.05
CA GLY A 136 -4.11 -9.82 1.12
C GLY A 136 -4.43 -8.33 1.06
N TRP A 137 -4.54 -7.78 -0.15
CA TRP A 137 -4.81 -6.35 -0.33
C TRP A 137 -6.10 -5.89 0.37
N PRO A 138 -7.28 -6.42 0.00
CA PRO A 138 -8.55 -6.01 0.61
C PRO A 138 -8.63 -6.43 2.08
N THR A 139 -7.74 -7.32 2.48
CA THR A 139 -7.70 -7.80 3.85
C THR A 139 -6.95 -6.81 4.75
N ILE A 140 -5.78 -6.36 4.29
CA ILE A 140 -4.98 -5.42 5.06
C ILE A 140 -5.61 -4.04 5.08
N LEU A 141 -6.30 -3.68 4.00
CA LEU A 141 -6.96 -2.38 3.88
C LEU A 141 -7.92 -2.12 5.04
N GLN A 142 -8.68 -3.14 5.41
CA GLN A 142 -9.64 -3.00 6.49
C GLN A 142 -8.97 -3.16 7.86
N SER A 143 -8.09 -4.13 7.97
CA SER A 143 -7.38 -4.41 9.22
C SER A 143 -6.53 -3.24 9.68
N PHE A 144 -5.88 -2.55 8.73
CA PHE A 144 -5.01 -1.42 9.05
C PHE A 144 -5.81 -0.27 9.66
N GLN A 145 -7.04 -0.10 9.21
CA GLN A 145 -7.90 0.97 9.71
C GLN A 145 -8.19 0.77 11.20
N ASP A 146 -8.49 -0.47 11.59
CA ASP A 146 -8.80 -0.77 12.98
C ASP A 146 -7.54 -0.72 13.84
N LYS A 147 -6.40 -1.06 13.25
CA LYS A 147 -5.12 -1.04 13.95
C LYS A 147 -4.82 0.37 14.45
N ILE A 148 -4.90 1.35 13.55
CA ILE A 148 -4.65 2.73 13.91
C ILE A 148 -5.72 3.26 14.86
N ASP A 149 -6.97 2.84 14.63
CA ASP A 149 -8.08 3.26 15.46
C ASP A 149 -7.85 2.81 16.90
N GLU A 150 -7.26 1.63 17.06
CA GLU A 150 -6.98 1.09 18.37
C GLU A 150 -5.84 1.83 19.06
N GLU A 151 -4.81 2.15 18.29
CA GLU A 151 -3.64 2.84 18.81
C GLU A 151 -3.85 4.36 18.86
N GLY A 152 -4.86 4.80 19.61
CA GLY A 152 -5.14 6.20 19.72
C GLY A 152 -6.53 6.52 20.22
N ALA A 153 -7.52 5.82 19.69
CA ALA A 153 -8.90 6.03 20.09
C ALA A 153 -9.42 4.90 20.95
N LYS A 154 -9.34 3.68 20.42
CA LYS A 154 -9.82 2.49 21.12
C LYS A 154 -9.04 2.24 22.41
N LYS A 155 -7.74 2.49 22.38
CA LYS A 155 -6.89 2.26 23.54
C LYS A 155 -5.94 3.45 23.72
C1 DAG B . 11.31 -20.06 -11.49
C2 DAG B . 12.45 -19.36 -10.75
C3 DAG B . 11.90 -18.21 -9.90
C4 DAG B . 11.06 -17.29 -10.78
C5 DAG B . 10.00 -18.09 -11.54
C6 DAG B . 9.21 -17.15 -12.44
O1 DAG B . 11.84 -21.11 -12.30
O2 DAG B . 13.12 -20.31 -9.90
O3 DAG B . 12.98 -17.50 -9.30
N4 DAG B . 10.42 -16.26 -9.94
O5 DAG B . 10.63 -19.11 -12.33
HO3 DAG B . 13.57 -18.13 -8.79
C1 EMP B . 14.45 -20.38 -9.73
C2 EMP B . 15.10 -20.92 -8.46
C3 EMP B . 14.73 -22.40 -8.30
C4 EMP B . 15.17 -23.13 -9.56
C5 EMP B . 14.54 -22.48 -10.80
C6 EMP B . 15.20 -25.30 -10.67
C7 EMP B . 14.34 -24.90 -11.87
C8 EMP B . 14.96 -22.27 -5.98
O3 EMP B . 15.39 -22.95 -7.15
N4 EMP B . 14.76 -24.55 -9.48
O5 EMP B . 14.93 -21.10 -10.87
HN4 EMP B . 15.17 -24.96 -8.66
HAA EMP B . 13.76 -24.60 -9.40
C1 DSR C . 8.47 -16.15 -8.78
C2 DSR C . 7.60 -17.01 -7.86
C3 DSR C . 6.30 -16.26 -7.57
C4 DSR C . 6.62 -14.88 -7.02
C5 DSR C . 7.57 -14.13 -7.96
C6 DSR C . 7.93 -12.78 -7.35
O1 DSR C . 9.70 -16.84 -9.06
O3 DSR C . 5.57 -16.11 -8.80
O5 DSR C . 8.77 -14.91 -8.15
S4 DSR C . 5.09 -13.90 -6.76
HO3 DSR C . 6.09 -15.53 -9.43
C1 HIB D . 3.24 -12.52 -2.28
C2 HIB D . 3.02 -11.15 -2.39
C3 HIB D . 3.70 -10.41 -3.36
C4 HIB D . 4.59 -11.06 -4.22
C5 HIB D . 4.81 -12.42 -4.10
C6 HIB D . 4.13 -13.15 -3.13
C7 HIB D . 5.80 -13.13 -5.03
C8 HIB D . 4.39 -14.65 -2.99
C9 HIB D . 4.43 -8.40 -2.63
CX HIB D . 4.44 -9.29 -5.67
O3 HIB D . 3.50 -9.08 -3.47
O4 HIB D . 5.25 -10.36 -5.18
O7 HIB D . 6.98 -12.95 -5.30
I1 HIB D . 2.21 -13.62 -0.82
C1 MRP E . 0.64 -9.55 -2.13
C2 MRP E . -0.61 -10.13 -1.48
C3 MRP E . -0.48 -10.09 0.05
C4 MRP E . -0.17 -8.64 0.45
C5 MRP E . 1.06 -8.12 -0.30
C6 MRP E . 1.33 -6.67 0.10
C7 MRP E . -1.95 -11.89 0.29
O1 MRP E . 1.77 -10.32 -1.74
O2 MRP E . -1.75 -9.35 -1.87
O3 MRP E . -1.68 -10.54 0.68
O4 MRP E . 0.08 -8.59 1.86
O5 MRP E . 0.82 -8.19 -1.71
HO2 MRP E . -1.62 -8.41 -1.58
HO4 MRP E . 0.85 -9.19 2.08
C1 MTC F . 10.81 -22.74 -12.52
C2 MTC F . 9.52 -22.09 -12.26
C3 MTC F . 8.41 -21.56 -12.19
C4 MTC F . 7.12 -20.96 -12.31
C5 MTC F . 6.74 -20.78 -13.63
C6 MTC F . 7.72 -21.22 -14.57
C7 MTC F . 8.64 -21.62 -15.28
C8 MTC F . 9.82 -22.10 -16.02
C9 MTC F . 9.54 -23.48 -16.63
C10 MTC F . 9.53 -24.53 -15.51
C11 MTC F . 10.36 -24.44 -14.39
C12 MTC F . 10.77 -23.16 -13.99
C13 MTC F . 10.96 -22.25 -15.02
C14 MTC F . 12.19 -21.33 -15.16
C15 MTC F . 13.48 -22.12 -14.97
C16 MTC F . 15.82 -24.45 -16.84
C17 MTC F . 10.33 -26.72 -13.92
C18 MTC F . 10.25 -28.97 -13.52
O8 MTC F . 10.15 -21.18 -17.05
O10 MTC F . 8.71 -25.44 -15.58
O71 MTC F . 9.77 -27.06 -14.95
O72 MTC F . 10.70 -27.70 -13.05
N11 MTC F . 10.68 -25.47 -13.61
S1 MTC F . 14.98 -21.08 -15.11
S2 MTC F . 16.52 -22.40 -14.88
S3 MTC F . 16.91 -23.05 -16.77
HO8 MTC F . 10.12 -20.24 -16.70
H11 MTC F . 11.18 -25.28 -12.77
#